data_3WAS
#
_entry.id   3WAS
#
_cell.length_a   82.718
_cell.length_b   82.718
_cell.length_c   308.940
_cell.angle_alpha   90.00
_cell.angle_beta   90.00
_cell.angle_gamma   120.00
#
_symmetry.space_group_name_H-M   'H 3'
#
loop_
_entity.id
_entity.type
_entity.pdbx_description
1 polymer '4-O-beta-D-mannosyl-D-glucose phosphorylase'
2 branched beta-D-mannopyranose-(1-4)-beta-D-glucopyranose
3 non-polymer 'PHOSPHATE ION'
4 water water
#
_entity_poly.entity_id   1
_entity_poly.type   'polypeptide(L)'
_entity_poly.pdbx_seq_one_letter_code
;MSLFNDKVAKLLAGHEALLMRKNEPVEEGNGVITRYRYPVLTAAHTPVFWRYDLNEETNPFLMERIGMNATLNAGAIKWD
GKYLMLVRVEGADRKSFFAVAESPNGIDNFRFWEYPVTLPEDVVPATNVYDMRLTAHEDGWIYGIFCAERHDDNAPIGDL
SSATATAGIARTKDLKNWERLPDLKTKSQQRNVVLHPEFVDGKYALYTRPQDGFIDTGSGGGIGWALIDDITHAEVGEEK
IIDKRYYHTIKEVKNGEGPHPIKTPQGWLHLAHGVRNCAAGLRYVLYMYMTSLDDPTRLIASPAGYFMAPVGEERIGDVS
NVLFSNGWIADDDGKVFIYYASSDTRMHVATSTIERLVDYCLHTPQDGFSSSASVEILKNLIERNLRLMK
;
_entity_poly.pdbx_strand_id   A,B
#
loop_
_chem_comp.id
_chem_comp.type
_chem_comp.name
_chem_comp.formula
BGC D-saccharide, beta linking beta-D-glucopyranose 'C6 H12 O6'
BMA D-saccharide, beta linking beta-D-mannopyranose 'C6 H12 O6'
PO4 non-polymer 'PHOSPHATE ION' 'O4 P -3'
#
# COMPACT_ATOMS: atom_id res chain seq x y z
N SER A 2 20.85 8.52 4.91
CA SER A 2 20.61 9.90 4.49
C SER A 2 19.17 10.07 4.03
N LEU A 3 18.73 11.33 3.97
CA LEU A 3 17.38 11.61 3.50
C LEU A 3 17.22 11.18 2.05
N PHE A 4 18.25 11.40 1.23
CA PHE A 4 18.16 11.03 -0.18
C PHE A 4 18.03 9.52 -0.35
N ASN A 5 18.89 8.77 0.34
CA ASN A 5 18.83 7.32 0.24
C ASN A 5 17.51 6.76 0.75
N ASP A 6 16.96 7.38 1.79
CA ASP A 6 15.66 6.96 2.30
C ASP A 6 14.59 7.20 1.24
N LYS A 7 14.67 8.33 0.53
CA LYS A 7 13.70 8.63 -0.51
C LYS A 7 13.77 7.61 -1.65
N VAL A 8 14.99 7.24 -2.05
CA VAL A 8 15.15 6.23 -3.10
C VAL A 8 14.59 4.90 -2.63
N ALA A 9 14.91 4.51 -1.41
CA ALA A 9 14.39 3.26 -0.87
C ALA A 9 12.86 3.22 -0.85
N LYS A 10 12.23 4.36 -0.53
CA LYS A 10 10.78 4.42 -0.51
C LYS A 10 10.17 4.38 -1.90
N LEU A 11 10.82 5.02 -2.87
CA LEU A 11 10.36 4.93 -4.25
C LEU A 11 10.36 3.48 -4.71
N LEU A 12 11.44 2.78 -4.39
CA LEU A 12 11.58 1.39 -4.83
C LEU A 12 10.56 0.51 -4.11
N ALA A 13 10.35 0.75 -2.82
CA ALA A 13 9.44 -0.08 -2.04
C ALA A 13 8.00 0.13 -2.46
N GLY A 14 7.64 1.38 -2.71
CA GLY A 14 6.30 1.70 -3.18
C GLY A 14 6.04 1.06 -4.52
N HIS A 15 7.06 1.06 -5.38
CA HIS A 15 6.93 0.45 -6.69
C HIS A 15 6.68 -1.06 -6.58
N GLU A 16 7.44 -1.74 -5.73
CA GLU A 16 7.25 -3.18 -5.57
C GLU A 16 5.86 -3.50 -5.00
N ALA A 17 5.37 -2.66 -4.08
CA ALA A 17 4.03 -2.88 -3.53
C ALA A 17 2.97 -2.75 -4.61
N LEU A 18 3.13 -1.76 -5.49
CA LEU A 18 2.21 -1.60 -6.61
C LEU A 18 2.29 -2.81 -7.53
N LEU A 19 3.51 -3.20 -7.90
CA LEU A 19 3.67 -4.31 -8.85
C LEU A 19 3.14 -5.64 -8.33
N MET A 20 3.18 -5.83 -7.02
CA MET A 20 2.84 -7.15 -6.47
C MET A 20 1.38 -7.26 -6.07
N ARG A 21 0.64 -6.18 -6.20
CA ARG A 21 -0.76 -6.18 -5.75
C ARG A 21 -1.61 -7.26 -6.44
N LYS A 22 -2.32 -8.03 -5.63
CA LYS A 22 -3.14 -9.11 -6.16
C LYS A 22 -4.39 -8.53 -6.80
N ASN A 23 -4.69 -8.96 -8.02
CA ASN A 23 -5.90 -8.51 -8.67
C ASN A 23 -7.06 -9.34 -8.17
N GLU A 24 -8.26 -8.80 -8.32
CA GLU A 24 -9.44 -9.51 -7.89
C GLU A 24 -10.51 -9.35 -8.96
N PRO A 25 -11.24 -10.43 -9.24
CA PRO A 25 -12.30 -10.31 -10.24
C PRO A 25 -13.43 -9.43 -9.75
N VAL A 26 -14.10 -8.79 -10.68
CA VAL A 26 -15.31 -8.07 -10.36
C VAL A 26 -16.47 -9.08 -10.42
N GLU A 27 -17.20 -9.19 -9.30
CA GLU A 27 -18.27 -10.16 -9.15
C GLU A 27 -19.38 -9.93 -10.16
N GLU A 28 -19.80 -8.68 -10.25
CA GLU A 28 -20.92 -8.32 -11.11
C GLU A 28 -20.46 -8.33 -12.57
N GLY A 29 -21.03 -9.22 -13.37
CA GLY A 29 -20.67 -9.28 -14.76
C GLY A 29 -21.79 -9.83 -15.61
N ASN A 30 -21.50 -10.08 -16.88
CA ASN A 30 -22.53 -10.53 -17.80
C ASN A 30 -22.47 -12.01 -18.13
N GLY A 31 -21.55 -12.73 -17.50
CA GLY A 31 -21.42 -14.15 -17.72
C GLY A 31 -20.58 -14.52 -18.93
N VAL A 32 -20.19 -13.53 -19.72
CA VAL A 32 -19.33 -13.76 -20.87
C VAL A 32 -17.89 -13.51 -20.47
N ILE A 33 -17.63 -12.29 -20.00
CA ILE A 33 -16.30 -11.92 -19.53
C ILE A 33 -16.31 -11.48 -18.07
N THR A 34 -15.19 -11.72 -17.41
CA THR A 34 -14.97 -11.25 -16.06
C THR A 34 -13.93 -10.13 -16.10
N ARG A 35 -14.34 -8.95 -15.64
CA ARG A 35 -13.44 -7.82 -15.44
C ARG A 35 -12.71 -7.97 -14.11
N TYR A 36 -11.66 -7.16 -13.94
CA TYR A 36 -10.82 -7.19 -12.74
C TYR A 36 -10.74 -5.82 -12.10
N ARG A 37 -10.56 -5.79 -10.79
CA ARG A 37 -10.62 -4.54 -10.04
C ARG A 37 -9.56 -3.52 -10.46
N TYR A 38 -8.37 -4.01 -10.78
CA TYR A 38 -7.24 -3.14 -11.07
C TYR A 38 -6.73 -3.33 -12.48
N PRO A 39 -6.20 -2.26 -13.08
CA PRO A 39 -5.50 -2.41 -14.36
C PRO A 39 -4.30 -3.34 -14.20
N VAL A 40 -3.91 -4.02 -15.27
CA VAL A 40 -2.68 -4.79 -15.24
C VAL A 40 -1.43 -3.93 -15.43
N LEU A 41 -1.58 -2.80 -16.13
CA LEU A 41 -0.48 -1.84 -16.26
C LEU A 41 -0.98 -0.42 -16.37
N THR A 42 -0.24 0.49 -15.76
CA THR A 42 -0.42 1.93 -15.84
C THR A 42 0.96 2.54 -16.03
N ALA A 43 1.01 3.84 -16.31
CA ALA A 43 2.29 4.52 -16.42
C ALA A 43 3.12 4.37 -15.15
N ALA A 44 2.44 4.29 -14.01
CA ALA A 44 3.12 4.11 -12.72
C ALA A 44 3.81 2.75 -12.59
N HIS A 45 3.40 1.77 -13.41
CA HIS A 45 4.07 0.46 -13.40
C HIS A 45 5.42 0.46 -14.08
N THR A 46 5.74 1.48 -14.87
CA THR A 46 7.06 1.52 -15.50
C THR A 46 8.13 1.54 -14.41
N PRO A 47 9.29 0.93 -14.68
CA PRO A 47 10.32 0.91 -13.62
C PRO A 47 10.73 2.28 -13.10
N VAL A 48 11.04 2.33 -11.81
CA VAL A 48 11.52 3.56 -11.19
C VAL A 48 12.77 4.03 -11.92
N PHE A 49 13.59 3.09 -12.36
CA PHE A 49 14.86 3.42 -12.99
C PHE A 49 14.74 3.78 -14.47
N TRP A 50 13.52 3.79 -15.01
CA TRP A 50 13.27 4.36 -16.33
C TRP A 50 12.99 5.86 -16.20
N ARG A 51 12.49 6.28 -15.04
CA ARG A 51 11.96 7.64 -14.90
C ARG A 51 12.89 8.56 -14.12
N TYR A 52 13.46 8.03 -13.05
CA TYR A 52 14.36 8.78 -12.19
C TYR A 52 15.83 8.45 -12.45
N ASP A 53 16.66 9.47 -12.41
CA ASP A 53 18.10 9.30 -12.25
C ASP A 53 18.34 9.07 -10.75
N LEU A 54 18.85 7.89 -10.40
CA LEU A 54 18.97 7.53 -8.98
C LEU A 54 20.27 7.98 -8.35
N ASN A 55 21.10 8.67 -9.12
CA ASN A 55 22.38 9.18 -8.62
C ASN A 55 22.25 10.56 -7.98
N GLU A 56 22.57 10.66 -6.69
CA GLU A 56 22.45 11.93 -5.97
C GLU A 56 23.33 13.04 -6.55
N GLU A 57 24.45 12.65 -7.15
CA GLU A 57 25.38 13.61 -7.73
C GLU A 57 24.76 14.36 -8.91
N THR A 58 23.99 13.66 -9.72
CA THR A 58 23.41 14.25 -10.91
C THR A 58 21.90 14.57 -10.78
N ASN A 59 21.28 14.09 -9.71
CA ASN A 59 19.84 14.35 -9.50
C ASN A 59 19.57 14.56 -8.02
N PRO A 60 20.17 15.61 -7.42
CA PRO A 60 20.08 15.76 -5.97
C PRO A 60 18.66 15.96 -5.44
N PHE A 61 17.77 16.52 -6.25
CA PHE A 61 16.38 16.72 -5.81
C PHE A 61 15.54 15.45 -5.98
N LEU A 62 16.12 14.43 -6.60
CA LEU A 62 15.40 13.19 -6.94
C LEU A 62 14.09 13.47 -7.68
N MET A 63 14.21 14.07 -8.86
CA MET A 63 13.05 14.30 -9.70
C MET A 63 13.10 13.38 -10.92
N GLU A 64 11.95 13.14 -11.52
CA GLU A 64 11.92 12.36 -12.75
C GLU A 64 12.61 13.10 -13.88
N ARG A 65 13.46 12.38 -14.60
CA ARG A 65 14.14 12.88 -15.78
C ARG A 65 13.39 12.53 -17.07
N ILE A 66 12.69 11.40 -17.07
CA ILE A 66 11.93 10.97 -18.25
C ILE A 66 10.54 10.54 -17.82
N GLY A 67 9.55 11.40 -18.02
CA GLY A 67 8.20 11.08 -17.61
C GLY A 67 7.57 10.03 -18.51
N MET A 68 6.77 9.15 -17.90
CA MET A 68 6.03 8.14 -18.64
C MET A 68 4.55 8.49 -18.54
N ASN A 69 3.87 8.53 -19.69
CA ASN A 69 2.50 9.00 -19.74
C ASN A 69 1.41 7.93 -19.75
N ALA A 70 1.66 6.83 -20.46
CA ALA A 70 0.60 5.83 -20.67
C ALA A 70 1.17 4.49 -21.04
N THR A 71 0.42 3.45 -20.71
CA THR A 71 0.75 2.08 -21.10
C THR A 71 -0.52 1.51 -21.71
N LEU A 72 -0.47 1.29 -23.02
CA LEU A 72 -1.70 1.01 -23.75
C LEU A 72 -1.49 0.00 -24.86
N ASN A 73 -2.58 -0.23 -25.59
CA ASN A 73 -2.63 -1.04 -26.81
C ASN A 73 -1.54 -2.09 -26.96
N ALA A 74 -1.63 -3.11 -26.14
CA ALA A 74 -0.54 -4.06 -26.00
C ALA A 74 -0.80 -5.33 -26.79
N GLY A 75 0.23 -5.80 -27.47
CA GLY A 75 0.19 -7.16 -27.99
C GLY A 75 0.32 -8.13 -26.82
N ALA A 76 0.16 -9.42 -27.11
CA ALA A 76 0.30 -10.44 -26.06
C ALA A 76 0.70 -11.78 -26.63
N ILE A 77 1.46 -12.53 -25.83
CA ILE A 77 1.88 -13.87 -26.22
C ILE A 77 2.22 -14.68 -24.98
N LYS A 78 1.93 -15.97 -25.03
CA LYS A 78 2.39 -16.89 -24.01
C LYS A 78 3.83 -17.24 -24.37
N TRP A 79 4.73 -17.04 -23.41
CA TRP A 79 6.15 -17.16 -23.66
C TRP A 79 6.85 -17.91 -22.56
N ASP A 80 7.38 -19.09 -22.91
CA ASP A 80 8.18 -19.89 -22.00
C ASP A 80 7.52 -20.01 -20.63
N GLY A 81 6.22 -20.29 -20.64
CA GLY A 81 5.47 -20.48 -19.41
C GLY A 81 4.88 -19.23 -18.79
N LYS A 82 5.20 -18.06 -19.34
CA LYS A 82 4.76 -16.81 -18.76
C LYS A 82 3.76 -16.08 -19.65
N TYR A 83 3.04 -15.14 -19.07
CA TYR A 83 2.09 -14.32 -19.82
C TYR A 83 2.74 -12.99 -20.14
N LEU A 84 2.94 -12.71 -21.42
CA LEU A 84 3.65 -11.51 -21.84
C LEU A 84 2.75 -10.52 -22.57
N MET A 85 2.89 -9.25 -22.21
CA MET A 85 2.38 -8.17 -23.03
C MET A 85 3.51 -7.47 -23.78
N LEU A 86 3.22 -7.08 -25.02
CA LEU A 86 4.10 -6.23 -25.79
C LEU A 86 3.46 -4.86 -25.75
N VAL A 87 3.88 -4.07 -24.77
CA VAL A 87 3.20 -2.86 -24.39
C VAL A 87 3.59 -1.70 -25.29
N ARG A 88 2.60 -0.90 -25.65
CA ARG A 88 2.86 0.43 -26.21
C ARG A 88 2.99 1.38 -25.03
N VAL A 89 4.21 1.87 -24.82
CA VAL A 89 4.47 2.83 -23.75
C VAL A 89 4.62 4.21 -24.35
N GLU A 90 3.81 5.16 -23.90
CA GLU A 90 3.94 6.53 -24.40
C GLU A 90 4.64 7.39 -23.36
N GLY A 91 5.76 7.99 -23.74
CA GLY A 91 6.44 8.93 -22.86
C GLY A 91 5.72 10.26 -22.74
N ALA A 92 6.12 11.05 -21.75
CA ALA A 92 5.68 12.43 -21.67
C ALA A 92 6.04 13.22 -22.91
N ASP A 93 7.02 12.75 -23.68
CA ASP A 93 7.39 13.41 -24.94
C ASP A 93 6.44 13.11 -26.12
N ARG A 94 5.43 12.27 -25.89
CA ARG A 94 4.38 11.92 -26.86
C ARG A 94 4.79 10.88 -27.89
N LYS A 95 6.04 10.43 -27.81
CA LYS A 95 6.44 9.27 -28.61
C LYS A 95 6.14 7.98 -27.87
N SER A 96 5.76 6.96 -28.64
CA SER A 96 5.58 5.61 -28.09
C SER A 96 6.75 4.73 -28.46
N PHE A 97 7.01 3.75 -27.59
CA PHE A 97 7.98 2.71 -27.87
C PHE A 97 7.41 1.40 -27.34
N PHE A 98 7.99 0.29 -27.78
CA PHE A 98 7.48 -1.01 -27.35
C PHE A 98 8.28 -1.51 -26.15
N ALA A 99 7.63 -2.27 -25.29
CA ALA A 99 8.30 -2.81 -24.12
C ALA A 99 7.61 -4.09 -23.66
N VAL A 100 8.41 -5.13 -23.40
CA VAL A 100 7.87 -6.38 -22.88
C VAL A 100 7.60 -6.29 -21.38
N ALA A 101 6.43 -6.79 -20.97
CA ALA A 101 6.10 -6.97 -19.56
C ALA A 101 5.61 -8.39 -19.37
N GLU A 102 6.03 -9.03 -18.28
CA GLU A 102 5.67 -10.43 -18.04
C GLU A 102 5.02 -10.64 -16.68
N SER A 103 4.13 -11.64 -16.63
CA SER A 103 3.42 -12.02 -15.42
C SER A 103 3.44 -13.54 -15.28
N PRO A 104 3.49 -14.05 -14.04
CA PRO A 104 3.43 -15.50 -13.85
C PRO A 104 2.01 -16.07 -13.99
N ASN A 105 0.98 -15.24 -13.91
CA ASN A 105 -0.39 -15.75 -13.82
C ASN A 105 -1.40 -15.13 -14.81
N GLY A 106 -1.03 -14.03 -15.45
CA GLY A 106 -1.88 -13.45 -16.48
C GLY A 106 -2.79 -12.33 -16.05
N ILE A 107 -3.00 -12.17 -14.74
CA ILE A 107 -3.89 -11.11 -14.26
C ILE A 107 -3.24 -10.08 -13.33
N ASP A 108 -2.06 -10.38 -12.79
CA ASP A 108 -1.34 -9.41 -11.98
C ASP A 108 0.15 -9.70 -11.94
N ASN A 109 0.89 -8.84 -11.24
CA ASN A 109 2.33 -9.00 -11.13
C ASN A 109 3.02 -8.95 -12.49
N PHE A 110 2.47 -8.13 -13.38
CA PHE A 110 3.17 -7.79 -14.61
C PHE A 110 4.32 -6.86 -14.26
N ARG A 111 5.49 -7.17 -14.81
CA ARG A 111 6.68 -6.38 -14.58
C ARG A 111 7.39 -6.18 -15.90
N PHE A 112 7.77 -4.94 -16.19
CA PHE A 112 8.53 -4.68 -17.41
C PHE A 112 9.91 -5.31 -17.36
N TRP A 113 10.33 -5.88 -18.48
CA TRP A 113 11.74 -6.23 -18.65
C TRP A 113 12.55 -4.95 -18.48
N GLU A 114 13.76 -5.08 -17.95
CA GLU A 114 14.51 -3.89 -17.56
C GLU A 114 14.81 -2.93 -18.71
N TYR A 115 14.98 -3.45 -19.92
CA TYR A 115 15.11 -2.61 -21.10
C TYR A 115 13.91 -2.78 -21.99
N PRO A 116 13.48 -1.69 -22.63
CA PRO A 116 12.37 -1.77 -23.58
C PRO A 116 12.87 -2.36 -24.90
N VAL A 117 12.01 -2.41 -25.90
CA VAL A 117 12.36 -2.97 -27.19
C VAL A 117 13.18 -2.00 -28.03
N THR A 118 14.32 -2.50 -28.52
CA THR A 118 15.07 -1.79 -29.54
C THR A 118 14.61 -2.29 -30.91
N LEU A 119 13.94 -1.41 -31.65
CA LEU A 119 13.38 -1.77 -32.94
C LEU A 119 14.10 -0.99 -34.03
N PRO A 120 14.87 -1.71 -34.86
CA PRO A 120 15.55 -1.01 -35.96
C PRO A 120 14.57 -0.35 -36.93
N GLU A 121 14.99 0.75 -37.52
CA GLU A 121 14.20 1.45 -38.53
C GLU A 121 14.22 0.67 -39.82
N ASP A 122 13.17 0.80 -40.61
CA ASP A 122 13.18 0.39 -42.01
C ASP A 122 13.93 1.47 -42.79
N VAL A 123 13.97 1.35 -44.12
CA VAL A 123 14.73 2.27 -44.95
C VAL A 123 14.32 3.73 -44.75
N VAL A 124 13.02 3.97 -44.61
CA VAL A 124 12.52 5.29 -44.28
C VAL A 124 12.24 5.36 -42.79
N PRO A 125 12.89 6.29 -42.08
CA PRO A 125 12.69 6.38 -40.63
C PRO A 125 11.24 6.70 -40.28
N ALA A 126 10.80 6.20 -39.13
CA ALA A 126 9.46 6.48 -38.65
C ALA A 126 9.53 7.41 -37.47
N THR A 127 8.51 8.25 -37.30
CA THR A 127 8.44 9.13 -36.14
C THR A 127 7.85 8.41 -34.96
N ASN A 128 6.73 7.71 -35.17
CA ASN A 128 6.12 6.94 -34.09
C ASN A 128 5.86 5.52 -34.55
N VAL A 129 5.94 4.59 -33.60
CA VAL A 129 5.55 3.20 -33.84
C VAL A 129 4.59 2.80 -32.74
N TYR A 130 3.57 2.02 -33.10
CA TYR A 130 2.53 1.68 -32.12
C TYR A 130 1.69 0.45 -32.44
N ASP A 131 1.08 -0.10 -31.40
CA ASP A 131 0.01 -1.10 -31.52
C ASP A 131 0.47 -2.40 -32.18
N MET A 132 1.46 -3.06 -31.58
CA MET A 132 2.02 -4.24 -32.24
C MET A 132 1.16 -5.45 -31.93
N ARG A 133 0.81 -6.21 -32.97
CA ARG A 133 0.25 -7.55 -32.79
C ARG A 133 1.36 -8.57 -32.96
N LEU A 134 1.52 -9.44 -31.97
CA LEU A 134 2.46 -10.56 -32.06
C LEU A 134 1.79 -11.78 -32.68
N THR A 135 2.47 -12.40 -33.65
CA THR A 135 2.04 -13.69 -34.16
C THR A 135 3.17 -14.71 -34.14
N ALA A 136 2.98 -15.79 -33.37
CA ALA A 136 3.87 -16.93 -33.47
C ALA A 136 3.45 -17.69 -34.71
N HIS A 137 4.19 -17.46 -35.80
CA HIS A 137 3.83 -18.06 -37.08
C HIS A 137 4.37 -19.47 -37.18
N GLU A 138 3.73 -20.29 -38.00
CA GLU A 138 4.20 -21.66 -38.15
C GLU A 138 5.60 -21.74 -38.77
N ASP A 139 6.07 -20.67 -39.39
CA ASP A 139 7.43 -20.63 -39.93
C ASP A 139 8.52 -20.51 -38.85
N GLY A 140 8.12 -20.41 -37.59
CA GLY A 140 9.05 -20.46 -36.48
C GLY A 140 9.46 -19.11 -35.93
N TRP A 141 9.03 -18.04 -36.60
CA TRP A 141 9.30 -16.70 -36.13
C TRP A 141 8.15 -16.11 -35.33
N ILE A 142 8.48 -15.23 -34.37
CA ILE A 142 7.48 -14.32 -33.82
C ILE A 142 7.51 -13.04 -34.64
N TYR A 143 6.39 -12.74 -35.29
CA TYR A 143 6.24 -11.48 -36.01
C TYR A 143 5.53 -10.45 -35.16
N GLY A 144 6.01 -9.22 -35.24
CA GLY A 144 5.27 -8.09 -34.73
C GLY A 144 4.86 -7.20 -35.90
N ILE A 145 3.56 -7.06 -36.09
CA ILE A 145 3.05 -6.15 -37.11
C ILE A 145 2.48 -4.93 -36.40
N PHE A 146 2.92 -3.75 -36.80
CA PHE A 146 2.63 -2.53 -36.07
C PHE A 146 2.39 -1.38 -37.00
N CYS A 147 2.02 -0.22 -36.44
CA CYS A 147 1.87 0.97 -37.25
C CYS A 147 3.13 1.80 -37.19
N ALA A 148 3.68 2.12 -38.36
CA ALA A 148 4.78 3.07 -38.47
C ALA A 148 4.23 4.38 -39.04
N GLU A 149 4.34 5.45 -38.27
CA GLU A 149 3.75 6.71 -38.66
C GLU A 149 4.80 7.77 -38.97
N ARG A 150 4.55 8.53 -40.04
CA ARG A 150 5.46 9.59 -40.49
C ARG A 150 4.66 10.85 -40.81
N HIS A 151 5.30 12.02 -40.72
CA HIS A 151 4.62 13.25 -41.11
C HIS A 151 4.43 13.25 -42.62
N ASP A 152 3.31 13.82 -43.06
CA ASP A 152 3.04 13.99 -44.48
C ASP A 152 3.33 15.45 -44.82
N ASP A 153 4.40 15.70 -45.56
CA ASP A 153 4.76 17.06 -45.95
C ASP A 153 3.84 17.63 -47.03
N ASN A 154 3.10 16.75 -47.70
CA ASN A 154 2.07 17.19 -48.64
C ASN A 154 0.91 17.77 -47.86
N ALA A 155 1.16 18.93 -47.25
CA ALA A 155 0.21 19.56 -46.35
C ALA A 155 0.39 21.05 -46.47
N PRO A 156 -0.68 21.83 -46.21
CA PRO A 156 -0.57 23.29 -46.22
C PRO A 156 0.49 23.78 -45.24
N ILE A 157 1.01 24.98 -45.44
CA ILE A 157 2.03 25.46 -44.53
C ILE A 157 1.42 25.59 -43.13
N GLY A 158 2.20 25.18 -42.13
CA GLY A 158 1.72 25.22 -40.76
C GLY A 158 1.04 23.93 -40.33
N ASP A 159 0.74 23.04 -41.28
CA ASP A 159 0.07 21.77 -40.95
C ASP A 159 1.10 20.75 -40.46
N LEU A 160 1.13 20.57 -39.14
CA LEU A 160 2.06 19.64 -38.51
C LEU A 160 1.32 18.42 -37.98
N SER A 161 0.09 18.24 -38.42
CA SER A 161 -0.71 17.10 -37.97
C SER A 161 -0.91 16.05 -39.06
N SER A 162 -0.78 16.46 -40.32
CA SER A 162 -0.94 15.52 -41.41
C SER A 162 0.10 14.40 -41.33
N ALA A 163 -0.38 13.16 -41.42
CA ALA A 163 0.49 12.01 -41.22
C ALA A 163 0.11 10.88 -42.18
N THR A 164 1.02 9.92 -42.30
CA THR A 164 0.75 8.71 -43.06
C THR A 164 1.06 7.52 -42.18
N ALA A 165 0.20 6.51 -42.24
CA ALA A 165 0.45 5.28 -41.51
C ALA A 165 0.74 4.13 -42.48
N THR A 166 1.80 3.39 -42.19
CA THR A 166 2.14 2.17 -42.94
C THR A 166 2.23 1.01 -41.97
N ALA A 167 2.13 -0.21 -42.49
CA ALA A 167 2.30 -1.39 -41.64
C ALA A 167 3.78 -1.77 -41.55
N GLY A 168 4.34 -1.61 -40.35
CA GLY A 168 5.68 -2.08 -40.07
C GLY A 168 5.70 -3.56 -39.74
N ILE A 169 6.76 -4.24 -40.16
CA ILE A 169 6.92 -5.66 -39.97
C ILE A 169 8.29 -5.97 -39.38
N ALA A 170 8.29 -6.64 -38.23
CA ALA A 170 9.53 -7.05 -37.60
C ALA A 170 9.39 -8.48 -37.11
N ARG A 171 10.50 -9.18 -36.94
CA ARG A 171 10.39 -10.54 -36.40
C ARG A 171 11.52 -10.84 -35.44
N THR A 172 11.28 -11.83 -34.60
CA THR A 172 12.21 -12.14 -33.53
C THR A 172 11.99 -13.59 -33.08
N LYS A 173 13.02 -14.15 -32.46
CA LYS A 173 12.88 -15.43 -31.80
C LYS A 173 13.09 -15.35 -30.30
N ASP A 174 13.38 -14.16 -29.79
CA ASP A 174 13.61 -14.01 -28.35
C ASP A 174 12.99 -12.76 -27.72
N LEU A 175 12.36 -11.94 -28.54
CA LEU A 175 11.71 -10.68 -28.10
C LEU A 175 12.71 -9.61 -27.62
N LYS A 176 13.99 -9.84 -27.89
CA LYS A 176 15.04 -8.88 -27.54
C LYS A 176 15.78 -8.39 -28.78
N ASN A 177 16.14 -9.32 -29.66
CA ASN A 177 16.75 -8.98 -30.92
C ASN A 177 15.71 -9.01 -32.04
N TRP A 178 15.40 -7.84 -32.59
CA TRP A 178 14.35 -7.71 -33.58
C TRP A 178 14.94 -7.37 -34.94
N GLU A 179 14.51 -8.14 -35.94
CA GLU A 179 14.89 -7.87 -37.32
C GLU A 179 13.77 -7.09 -37.98
N ARG A 180 14.10 -5.93 -38.55
CA ARG A 180 13.10 -5.12 -39.21
C ARG A 180 13.02 -5.48 -40.69
N LEU A 181 11.85 -5.90 -41.12
CA LEU A 181 11.64 -6.23 -42.53
C LEU A 181 11.10 -4.99 -43.26
N PRO A 182 11.04 -5.04 -44.60
CA PRO A 182 10.48 -3.87 -45.29
C PRO A 182 9.02 -3.61 -44.91
N ASP A 183 8.67 -2.34 -44.74
CA ASP A 183 7.27 -1.97 -44.51
C ASP A 183 6.38 -2.59 -45.59
N LEU A 184 5.15 -2.94 -45.23
CA LEU A 184 4.19 -3.49 -46.19
C LEU A 184 3.93 -2.50 -47.31
N LYS A 185 4.08 -2.95 -48.55
CA LYS A 185 3.72 -2.17 -49.73
C LYS A 185 2.24 -2.40 -50.07
N THR A 186 1.51 -1.32 -50.26
CA THR A 186 0.07 -1.39 -50.43
C THR A 186 -0.43 -0.10 -51.10
N LYS A 187 -1.58 -0.17 -51.76
CA LYS A 187 -2.08 0.99 -52.50
C LYS A 187 -2.75 2.05 -51.63
N SER A 188 -3.04 1.71 -50.37
CA SER A 188 -3.66 2.66 -49.46
C SER A 188 -2.89 2.73 -48.16
N GLN A 189 -3.23 3.71 -47.32
CA GLN A 189 -2.75 3.72 -45.96
C GLN A 189 -3.31 2.48 -45.24
N GLN A 190 -2.60 2.03 -44.22
CA GLN A 190 -2.96 0.81 -43.48
C GLN A 190 -2.63 0.99 -42.02
N ARG A 191 -3.54 0.52 -41.15
CA ARG A 191 -3.28 0.41 -39.72
C ARG A 191 -4.13 -0.77 -39.29
N ASN A 192 -3.78 -1.41 -38.19
CA ASN A 192 -4.42 -2.65 -37.74
C ASN A 192 -4.16 -3.85 -38.65
N VAL A 193 -2.99 -3.90 -39.26
CA VAL A 193 -2.59 -5.08 -40.02
C VAL A 193 -2.11 -6.13 -39.02
N VAL A 194 -2.47 -7.39 -39.28
CA VAL A 194 -2.22 -8.48 -38.33
C VAL A 194 -1.88 -9.75 -39.12
N LEU A 195 -0.87 -10.49 -38.66
CA LEU A 195 -0.49 -11.74 -39.34
C LEU A 195 -1.28 -12.96 -38.84
N HIS A 196 -1.94 -13.63 -39.76
CA HIS A 196 -2.61 -14.90 -39.49
C HIS A 196 -1.52 -15.95 -39.20
N PRO A 197 -1.74 -16.84 -38.20
CA PRO A 197 -0.62 -17.69 -37.77
C PRO A 197 -0.28 -18.87 -38.66
N GLU A 198 -1.13 -19.20 -39.64
CA GLU A 198 -0.87 -20.33 -40.52
C GLU A 198 -0.73 -19.86 -41.95
N PHE A 199 0.07 -20.57 -42.74
CA PHE A 199 0.06 -20.38 -44.17
C PHE A 199 -1.33 -20.73 -44.70
N VAL A 200 -1.76 -20.02 -45.75
CA VAL A 200 -3.00 -20.33 -46.44
C VAL A 200 -2.64 -20.46 -47.89
N ASP A 201 -2.95 -21.62 -48.47
CA ASP A 201 -2.41 -22.04 -49.76
C ASP A 201 -0.94 -21.67 -49.95
N GLY A 202 -0.16 -21.92 -48.91
CA GLY A 202 1.28 -21.80 -48.97
C GLY A 202 1.77 -20.37 -48.84
N LYS A 203 0.85 -19.45 -48.57
CA LYS A 203 1.19 -18.04 -48.51
C LYS A 203 0.96 -17.45 -47.13
N TYR A 204 1.65 -16.37 -46.81
CA TYR A 204 1.37 -15.61 -45.60
C TYR A 204 0.04 -14.90 -45.81
N ALA A 205 -0.75 -14.80 -44.74
CA ALA A 205 -2.05 -14.16 -44.81
C ALA A 205 -2.11 -13.02 -43.80
N LEU A 206 -2.51 -11.85 -44.28
CA LEU A 206 -2.67 -10.68 -43.41
C LEU A 206 -4.13 -10.25 -43.32
N TYR A 207 -4.53 -9.87 -42.11
CA TYR A 207 -5.70 -9.05 -41.90
C TYR A 207 -5.27 -7.62 -42.15
N THR A 208 -6.02 -6.91 -42.97
CA THR A 208 -5.68 -5.54 -43.32
C THR A 208 -6.83 -4.61 -42.98
N ARG A 209 -6.63 -3.31 -43.16
CA ARG A 209 -7.70 -2.35 -42.90
C ARG A 209 -7.46 -1.15 -43.80
N PRO A 210 -7.84 -1.27 -45.07
CA PRO A 210 -7.57 -0.16 -45.99
C PRO A 210 -8.28 1.12 -45.58
N GLN A 211 -7.58 2.24 -45.75
CA GLN A 211 -8.11 3.54 -45.36
C GLN A 211 -7.60 4.62 -46.29
N ASP A 212 -8.49 5.53 -46.67
CA ASP A 212 -8.14 6.59 -47.61
C ASP A 212 -7.29 7.68 -46.95
N GLY A 213 -7.47 7.86 -45.65
CA GLY A 213 -6.73 8.88 -44.93
C GLY A 213 -6.06 8.33 -43.68
N PHE A 214 -5.41 9.22 -42.94
CA PHE A 214 -4.69 8.84 -41.73
C PHE A 214 -5.64 8.49 -40.59
N ILE A 215 -6.75 9.22 -40.49
CA ILE A 215 -7.73 8.96 -39.44
C ILE A 215 -9.04 8.38 -40.00
N ASP A 216 -9.49 8.89 -41.15
CA ASP A 216 -10.76 8.44 -41.72
C ASP A 216 -10.59 7.37 -42.80
N THR A 217 -11.44 6.36 -42.77
CA THR A 217 -11.34 5.26 -43.72
C THR A 217 -11.84 5.61 -45.11
N GLY A 218 -12.82 6.51 -45.20
CA GLY A 218 -13.40 6.85 -46.48
C GLY A 218 -14.03 5.64 -47.15
N SER A 219 -13.49 5.26 -48.30
CA SER A 219 -14.03 4.12 -49.05
C SER A 219 -13.68 2.75 -48.45
N GLY A 220 -12.75 2.73 -47.48
CA GLY A 220 -12.33 1.49 -46.86
C GLY A 220 -13.52 0.77 -46.25
N GLY A 221 -13.78 -0.45 -46.69
CA GLY A 221 -15.04 -1.12 -46.37
C GLY A 221 -15.08 -1.93 -45.09
N GLY A 222 -13.92 -2.16 -44.48
CA GLY A 222 -13.84 -2.97 -43.28
C GLY A 222 -12.50 -3.64 -43.07
N ILE A 223 -12.54 -4.83 -42.46
CA ILE A 223 -11.33 -5.61 -42.20
C ILE A 223 -11.09 -6.48 -43.42
N GLY A 224 -9.88 -6.37 -43.97
CA GLY A 224 -9.51 -7.05 -45.20
C GLY A 224 -8.64 -8.28 -44.99
N TRP A 225 -8.48 -9.02 -46.08
CA TRP A 225 -7.68 -10.24 -46.10
C TRP A 225 -6.82 -10.20 -47.34
N ALA A 226 -5.52 -10.40 -47.16
CA ALA A 226 -4.57 -10.32 -48.26
C ALA A 226 -3.54 -11.43 -48.12
N LEU A 227 -3.40 -12.23 -49.18
CA LEU A 227 -2.34 -13.23 -49.23
C LEU A 227 -1.06 -12.63 -49.79
N ILE A 228 0.05 -12.97 -49.14
CA ILE A 228 1.36 -12.39 -49.39
C ILE A 228 2.33 -13.53 -49.69
N ASP A 229 3.02 -13.46 -50.82
CA ASP A 229 3.97 -14.53 -51.14
C ASP A 229 5.18 -14.56 -50.21
N ASP A 230 5.73 -13.39 -49.92
CA ASP A 230 7.00 -13.30 -49.23
C ASP A 230 6.93 -12.21 -48.16
N ILE A 231 6.92 -12.62 -46.89
CA ILE A 231 6.79 -11.69 -45.78
C ILE A 231 8.01 -10.76 -45.66
N THR A 232 9.13 -11.15 -46.29
CA THR A 232 10.32 -10.30 -46.27
C THR A 232 10.37 -9.29 -47.42
N HIS A 233 9.37 -9.35 -48.29
CA HIS A 233 9.18 -8.35 -49.33
C HIS A 233 7.68 -8.25 -49.51
N ALA A 234 6.99 -7.85 -48.43
CA ALA A 234 5.53 -7.97 -48.38
C ALA A 234 4.84 -6.90 -49.20
N GLU A 235 3.96 -7.33 -50.09
CA GLU A 235 3.20 -6.42 -50.92
C GLU A 235 1.83 -7.01 -51.15
N VAL A 236 0.77 -6.25 -50.88
CA VAL A 236 -0.54 -6.81 -51.12
C VAL A 236 -0.90 -6.70 -52.59
N GLY A 237 -1.52 -7.76 -53.11
CA GLY A 237 -2.08 -7.74 -54.44
C GLY A 237 -3.59 -7.61 -54.31
N GLU A 238 -4.28 -8.75 -54.30
CA GLU A 238 -5.72 -8.75 -54.07
C GLU A 238 -6.02 -8.58 -52.58
N GLU A 239 -7.11 -7.87 -52.30
CA GLU A 239 -7.52 -7.56 -50.94
C GLU A 239 -9.04 -7.70 -50.84
N LYS A 240 -9.50 -8.63 -50.01
CA LYS A 240 -10.93 -8.91 -49.86
C LYS A 240 -11.40 -8.47 -48.48
N ILE A 241 -12.52 -7.75 -48.41
CA ILE A 241 -13.10 -7.41 -47.11
C ILE A 241 -13.82 -8.62 -46.52
N ILE A 242 -13.46 -8.96 -45.28
CA ILE A 242 -14.02 -10.11 -44.55
C ILE A 242 -15.10 -9.67 -43.57
N ASP A 243 -14.88 -8.55 -42.89
CA ASP A 243 -15.88 -8.07 -41.95
C ASP A 243 -16.14 -6.60 -42.20
N LYS A 244 -17.40 -6.29 -42.51
CA LYS A 244 -17.78 -5.02 -43.09
C LYS A 244 -18.29 -4.02 -42.06
N ARG A 245 -18.10 -2.75 -42.36
CA ARG A 245 -18.78 -1.71 -41.60
C ARG A 245 -20.26 -1.68 -41.97
N TYR A 246 -21.08 -1.23 -41.03
CA TYR A 246 -22.53 -1.12 -41.24
C TYR A 246 -23.10 0.12 -40.57
N TYR A 247 -23.96 0.84 -41.29
CA TYR A 247 -24.70 1.96 -40.71
C TYR A 247 -25.46 1.56 -39.45
N HIS A 248 -25.32 2.40 -38.44
CA HIS A 248 -26.03 2.29 -37.18
C HIS A 248 -25.67 1.09 -36.33
N THR A 249 -24.47 0.57 -36.57
CA THR A 249 -23.88 -0.41 -35.68
C THR A 249 -22.71 0.19 -34.94
N ILE A 250 -22.12 -0.61 -34.06
CA ILE A 250 -20.95 -0.17 -33.32
C ILE A 250 -19.70 -0.07 -34.20
N LYS A 251 -19.79 -0.56 -35.43
CA LYS A 251 -18.67 -0.46 -36.36
C LYS A 251 -19.13 0.29 -37.61
N GLU A 252 -19.58 1.52 -37.42
CA GLU A 252 -20.10 2.32 -38.51
C GLU A 252 -19.02 3.06 -39.29
N VAL A 253 -18.16 3.79 -38.59
CA VAL A 253 -17.22 4.71 -39.21
C VAL A 253 -15.91 4.02 -39.56
N LYS A 254 -15.46 3.12 -38.68
CA LYS A 254 -14.33 2.26 -39.00
C LYS A 254 -14.33 1.05 -38.11
N ASN A 255 -13.47 0.10 -38.45
CA ASN A 255 -13.27 -1.07 -37.61
C ASN A 255 -11.87 -1.55 -37.87
N GLY A 256 -11.44 -2.54 -37.10
CA GLY A 256 -10.12 -3.12 -37.34
C GLY A 256 -9.90 -4.36 -36.52
N GLU A 257 -9.13 -5.30 -37.07
CA GLU A 257 -8.78 -6.50 -36.34
C GLU A 257 -7.96 -6.14 -35.12
N GLY A 258 -8.17 -6.85 -34.03
CA GLY A 258 -7.38 -6.68 -32.81
C GLY A 258 -6.15 -7.58 -32.84
N PRO A 259 -6.05 -8.51 -31.87
CA PRO A 259 -5.02 -9.56 -31.97
C PRO A 259 -5.33 -10.52 -33.10
N HIS A 260 -4.38 -11.39 -33.46
CA HIS A 260 -4.73 -12.44 -34.40
C HIS A 260 -5.76 -13.37 -33.77
N PRO A 261 -6.63 -13.97 -34.58
CA PRO A 261 -7.71 -14.78 -34.01
C PRO A 261 -7.21 -16.06 -33.37
N ILE A 262 -8.01 -16.61 -32.46
CA ILE A 262 -7.74 -17.88 -31.82
C ILE A 262 -8.38 -19.01 -32.61
N LYS A 263 -7.63 -20.08 -32.86
CA LYS A 263 -8.17 -21.25 -33.53
C LYS A 263 -9.01 -22.10 -32.57
N THR A 264 -10.25 -22.36 -32.93
CA THR A 264 -11.12 -23.23 -32.13
C THR A 264 -11.67 -24.33 -33.03
N PRO A 265 -12.22 -25.40 -32.43
CA PRO A 265 -12.78 -26.44 -33.29
C PRO A 265 -13.95 -25.93 -34.13
N GLN A 266 -14.55 -24.82 -33.73
CA GLN A 266 -15.71 -24.27 -34.42
C GLN A 266 -15.33 -23.25 -35.49
N GLY A 267 -14.06 -22.85 -35.51
CA GLY A 267 -13.62 -21.82 -36.44
C GLY A 267 -12.64 -20.86 -35.81
N TRP A 268 -12.20 -19.88 -36.58
CA TRP A 268 -11.36 -18.82 -36.06
C TRP A 268 -12.19 -17.81 -35.27
N LEU A 269 -11.75 -17.54 -34.04
CA LEU A 269 -12.44 -16.66 -33.10
C LEU A 269 -11.72 -15.30 -33.09
N HIS A 270 -12.42 -14.25 -33.52
CA HIS A 270 -11.81 -12.93 -33.71
C HIS A 270 -12.26 -11.91 -32.67
N LEU A 271 -11.34 -11.02 -32.34
CA LEU A 271 -11.60 -9.86 -31.51
C LEU A 271 -11.16 -8.63 -32.30
N ALA A 272 -12.06 -7.65 -32.40
CA ALA A 272 -11.84 -6.46 -33.21
C ALA A 272 -12.35 -5.22 -32.49
N HIS A 273 -12.06 -4.04 -33.03
CA HIS A 273 -12.67 -2.84 -32.54
C HIS A 273 -13.57 -2.21 -33.59
N GLY A 274 -14.60 -1.52 -33.12
CA GLY A 274 -15.54 -0.81 -33.95
C GLY A 274 -15.66 0.62 -33.49
N VAL A 275 -15.81 1.55 -34.42
CA VAL A 275 -15.85 2.97 -34.13
C VAL A 275 -17.11 3.62 -34.70
N ARG A 276 -17.69 4.55 -33.94
CA ARG A 276 -18.72 5.44 -34.46
C ARG A 276 -18.44 6.85 -33.97
N ASN A 277 -19.08 7.83 -34.60
CA ASN A 277 -18.97 9.22 -34.19
C ASN A 277 -20.12 9.59 -33.26
N CYS A 278 -19.86 10.48 -32.32
CA CYS A 278 -20.90 11.03 -31.46
C CYS A 278 -20.52 12.45 -31.12
N ALA A 279 -21.35 13.11 -30.31
CA ALA A 279 -21.13 14.53 -30.03
C ALA A 279 -19.80 14.76 -29.31
N ALA A 280 -19.26 13.72 -28.67
CA ALA A 280 -18.01 13.82 -27.90
C ALA A 280 -16.77 13.41 -28.68
N GLY A 281 -16.95 13.01 -29.93
CA GLY A 281 -15.84 12.51 -30.73
C GLY A 281 -16.05 11.07 -31.15
N LEU A 282 -14.96 10.35 -31.33
CA LEU A 282 -15.05 8.96 -31.75
C LEU A 282 -15.21 8.04 -30.54
N ARG A 283 -16.06 7.03 -30.70
CA ARG A 283 -16.30 6.06 -29.63
C ARG A 283 -15.87 4.69 -30.10
N TYR A 284 -14.95 4.07 -29.36
CA TYR A 284 -14.40 2.76 -29.71
C TYR A 284 -14.88 1.70 -28.74
N VAL A 285 -15.39 0.60 -29.29
CA VAL A 285 -15.75 -0.56 -28.49
C VAL A 285 -15.19 -1.83 -29.12
N LEU A 286 -15.21 -2.91 -28.37
CA LEU A 286 -14.74 -4.19 -28.89
C LEU A 286 -15.91 -5.04 -29.38
N TYR A 287 -15.66 -5.87 -30.39
CA TYR A 287 -16.67 -6.82 -30.86
C TYR A 287 -16.00 -8.09 -31.36
N MET A 288 -16.77 -9.14 -31.57
CA MET A 288 -16.21 -10.42 -32.01
C MET A 288 -16.90 -10.95 -33.26
N TYR A 289 -16.20 -11.82 -33.98
CA TYR A 289 -16.81 -12.52 -35.08
C TYR A 289 -16.06 -13.82 -35.28
N MET A 290 -16.63 -14.75 -36.04
CA MET A 290 -15.92 -16.00 -36.32
C MET A 290 -15.86 -16.27 -37.80
N THR A 291 -14.79 -16.92 -38.23
CA THR A 291 -14.67 -17.36 -39.62
C THR A 291 -14.39 -18.86 -39.70
N SER A 292 -14.58 -19.43 -40.88
CA SER A 292 -14.47 -20.87 -41.10
C SER A 292 -13.02 -21.37 -41.08
N LEU A 293 -12.82 -22.56 -40.53
CA LEU A 293 -11.53 -23.23 -40.64
C LEU A 293 -11.23 -23.58 -42.10
N ASP A 294 -12.23 -24.07 -42.83
CA ASP A 294 -12.00 -24.44 -44.22
C ASP A 294 -11.66 -23.23 -45.09
N ASP A 295 -12.34 -22.12 -44.81
CA ASP A 295 -12.13 -20.90 -45.56
C ASP A 295 -12.14 -19.74 -44.58
N PRO A 296 -10.94 -19.31 -44.13
CA PRO A 296 -10.88 -18.23 -43.14
C PRO A 296 -11.41 -16.89 -43.64
N THR A 297 -11.79 -16.78 -44.92
CA THR A 297 -12.38 -15.53 -45.40
C THR A 297 -13.89 -15.51 -45.21
N ARG A 298 -14.44 -16.64 -44.78
CA ARG A 298 -15.89 -16.79 -44.71
C ARG A 298 -16.42 -16.62 -43.29
N LEU A 299 -17.24 -15.59 -43.08
CA LEU A 299 -17.88 -15.37 -41.78
C LEU A 299 -18.82 -16.50 -41.43
N ILE A 300 -18.74 -17.01 -40.21
CA ILE A 300 -19.68 -18.01 -39.74
C ILE A 300 -20.35 -17.62 -38.41
N ALA A 301 -19.96 -16.50 -37.84
CA ALA A 301 -20.68 -15.95 -36.69
C ALA A 301 -20.52 -14.45 -36.61
N SER A 302 -21.63 -13.75 -36.41
CA SER A 302 -21.67 -12.31 -36.31
C SER A 302 -22.65 -11.91 -35.22
N PRO A 303 -22.24 -12.08 -33.95
CA PRO A 303 -23.13 -11.66 -32.85
C PRO A 303 -23.39 -10.15 -32.97
N ALA A 304 -24.62 -9.72 -32.70
CA ALA A 304 -24.93 -8.29 -32.81
C ALA A 304 -24.18 -7.47 -31.77
N GLY A 305 -23.85 -6.24 -32.12
CA GLY A 305 -23.41 -5.26 -31.16
C GLY A 305 -22.01 -5.44 -30.61
N TYR A 306 -21.75 -4.78 -29.48
CA TYR A 306 -20.44 -4.85 -28.87
C TYR A 306 -20.28 -6.03 -27.93
N PHE A 307 -19.04 -6.47 -27.82
CA PHE A 307 -18.61 -7.50 -26.90
C PHE A 307 -18.24 -6.85 -25.55
N MET A 308 -17.46 -5.76 -25.61
CA MET A 308 -17.13 -4.97 -24.43
C MET A 308 -17.12 -3.51 -24.83
N ALA A 309 -17.55 -2.66 -23.91
CA ALA A 309 -17.53 -1.21 -24.10
C ALA A 309 -17.07 -0.60 -22.78
N PRO A 310 -16.60 0.67 -22.81
CA PRO A 310 -16.06 1.22 -21.57
C PRO A 310 -17.06 1.22 -20.40
N VAL A 311 -16.60 0.71 -19.26
CA VAL A 311 -17.32 0.69 -18.00
C VAL A 311 -16.49 1.41 -16.93
N GLY A 312 -17.15 2.28 -16.16
CA GLY A 312 -16.52 2.92 -15.01
C GLY A 312 -15.27 3.70 -15.34
N GLU A 313 -14.18 3.36 -14.65
CA GLU A 313 -12.87 4.01 -14.83
C GLU A 313 -12.39 3.97 -16.28
N GLU A 314 -12.83 2.97 -17.03
CA GLU A 314 -12.41 2.79 -18.40
C GLU A 314 -12.82 3.93 -19.30
N ARG A 315 -13.88 4.65 -18.90
CA ARG A 315 -14.46 5.69 -19.74
C ARG A 315 -13.57 6.91 -19.92
N ILE A 316 -12.62 7.09 -19.00
CA ILE A 316 -11.87 8.34 -18.90
C ILE A 316 -10.38 8.12 -19.06
N GLY A 317 -9.74 8.97 -19.87
CA GLY A 317 -8.29 8.98 -20.00
C GLY A 317 -7.87 9.99 -21.05
N ASP A 318 -6.66 9.85 -21.57
CA ASP A 318 -6.17 10.76 -22.60
C ASP A 318 -7.09 10.83 -23.80
N VAL A 319 -7.63 9.68 -24.19
CA VAL A 319 -8.58 9.60 -25.29
C VAL A 319 -9.78 8.82 -24.81
N SER A 320 -10.70 9.55 -24.19
CA SER A 320 -11.80 8.93 -23.47
C SER A 320 -12.76 8.19 -24.40
N ASN A 321 -13.59 7.34 -23.82
CA ASN A 321 -14.66 6.68 -24.56
C ASN A 321 -14.10 5.63 -25.53
N VAL A 322 -12.99 5.01 -25.16
CA VAL A 322 -12.30 4.04 -26.01
C VAL A 322 -11.94 2.77 -25.24
N LEU A 323 -12.29 1.61 -25.81
CA LEU A 323 -11.60 0.36 -25.50
C LEU A 323 -10.86 -0.08 -26.76
N PHE A 324 -9.71 -0.72 -26.58
CA PHE A 324 -8.92 -1.17 -27.71
C PHE A 324 -8.18 -2.44 -27.29
N SER A 325 -8.14 -3.45 -28.15
CA SER A 325 -7.33 -4.63 -27.84
C SER A 325 -6.53 -5.10 -29.04
N ASN A 326 -5.25 -5.37 -28.79
CA ASN A 326 -4.44 -6.03 -29.81
C ASN A 326 -3.64 -7.18 -29.23
N GLY A 327 -4.16 -7.79 -28.17
CA GLY A 327 -3.51 -8.92 -27.57
C GLY A 327 -4.43 -9.76 -26.69
N TRP A 328 -4.33 -11.09 -26.82
CA TRP A 328 -4.98 -12.01 -25.90
C TRP A 328 -4.20 -13.32 -25.88
N ILE A 329 -4.41 -14.11 -24.83
CA ILE A 329 -3.76 -15.39 -24.67
C ILE A 329 -4.78 -16.46 -24.32
N ALA A 330 -4.72 -17.58 -25.02
CA ALA A 330 -5.58 -18.72 -24.71
C ALA A 330 -4.73 -19.90 -24.29
N ASP A 331 -4.88 -20.30 -23.03
CA ASP A 331 -4.14 -21.45 -22.50
C ASP A 331 -4.71 -22.77 -23.02
N ASP A 332 -3.94 -23.83 -22.87
CA ASP A 332 -4.32 -25.14 -23.39
C ASP A 332 -5.63 -25.65 -22.77
N ASP A 333 -5.90 -25.21 -21.54
CA ASP A 333 -7.12 -25.61 -20.85
C ASP A 333 -8.35 -24.80 -21.28
N GLY A 334 -8.18 -23.87 -22.22
CA GLY A 334 -9.29 -23.07 -22.72
C GLY A 334 -9.51 -21.71 -22.06
N LYS A 335 -8.78 -21.44 -20.98
CA LYS A 335 -8.89 -20.14 -20.33
C LYS A 335 -8.30 -19.05 -21.22
N VAL A 336 -9.02 -17.94 -21.32
CA VAL A 336 -8.63 -16.84 -22.19
C VAL A 336 -8.41 -15.58 -21.38
N PHE A 337 -7.26 -14.96 -21.62
CA PHE A 337 -6.89 -13.70 -20.99
C PHE A 337 -6.92 -12.64 -22.07
N ILE A 338 -7.84 -11.68 -21.93
CA ILE A 338 -8.01 -10.62 -22.93
C ILE A 338 -7.35 -9.35 -22.39
N TYR A 339 -6.34 -8.86 -23.09
CA TYR A 339 -5.67 -7.64 -22.68
C TYR A 339 -6.19 -6.48 -23.49
N TYR A 340 -6.88 -5.57 -22.81
CA TYR A 340 -7.48 -4.44 -23.49
C TYR A 340 -7.12 -3.12 -22.81
N ALA A 341 -6.86 -2.10 -23.61
CA ALA A 341 -6.59 -0.77 -23.09
C ALA A 341 -7.89 -0.02 -22.89
N SER A 342 -7.91 0.90 -21.93
CA SER A 342 -9.00 1.86 -21.85
C SER A 342 -8.46 3.26 -22.06
N SER A 343 -9.17 4.01 -22.90
CA SER A 343 -8.95 5.44 -23.11
C SER A 343 -7.50 5.80 -23.45
N ASP A 344 -6.83 4.89 -24.15
CA ASP A 344 -5.44 5.08 -24.57
C ASP A 344 -4.49 5.34 -23.40
N THR A 345 -4.85 4.89 -22.21
CA THR A 345 -4.13 5.31 -21.00
C THR A 345 -3.56 4.17 -20.17
N ARG A 346 -4.29 3.07 -20.07
CA ARG A 346 -3.91 2.01 -19.16
C ARG A 346 -4.33 0.68 -19.77
N MET A 347 -3.74 -0.40 -19.27
CA MET A 347 -4.07 -1.76 -19.71
C MET A 347 -4.87 -2.51 -18.66
N HIS A 348 -5.88 -3.25 -19.12
CA HIS A 348 -6.73 -4.10 -18.30
C HIS A 348 -6.65 -5.54 -18.77
N VAL A 349 -7.09 -6.46 -17.91
CA VAL A 349 -7.35 -7.83 -18.32
C VAL A 349 -8.82 -8.19 -18.07
N ALA A 350 -9.37 -9.00 -18.97
CA ALA A 350 -10.66 -9.65 -18.75
C ALA A 350 -10.46 -11.13 -19.03
N THR A 351 -11.14 -11.99 -18.28
CA THR A 351 -11.00 -13.42 -18.50
C THR A 351 -12.30 -14.07 -18.96
N SER A 352 -12.14 -15.12 -19.75
CA SER A 352 -13.26 -15.91 -20.21
C SER A 352 -12.70 -17.29 -20.53
N THR A 353 -13.46 -18.07 -21.29
CA THR A 353 -12.97 -19.33 -21.82
C THR A 353 -13.32 -19.44 -23.30
N ILE A 354 -12.63 -20.31 -24.01
CA ILE A 354 -12.93 -20.52 -25.42
C ILE A 354 -14.40 -20.93 -25.56
N GLU A 355 -14.85 -21.84 -24.69
CA GLU A 355 -16.23 -22.30 -24.75
C GLU A 355 -17.23 -21.16 -24.55
N ARG A 356 -16.95 -20.28 -23.59
CA ARG A 356 -17.88 -19.18 -23.36
C ARG A 356 -17.87 -18.18 -24.51
N LEU A 357 -16.70 -17.87 -25.06
CA LEU A 357 -16.63 -16.90 -26.16
C LEU A 357 -17.28 -17.41 -27.43
N VAL A 358 -17.11 -18.70 -27.72
CA VAL A 358 -17.78 -19.33 -28.84
C VAL A 358 -19.30 -19.34 -28.63
N ASP A 359 -19.75 -19.71 -27.42
CA ASP A 359 -21.16 -19.66 -27.03
C ASP A 359 -21.70 -18.24 -27.26
N TYR A 360 -20.97 -17.23 -26.79
CA TYR A 360 -21.40 -15.85 -26.99
C TYR A 360 -21.54 -15.51 -28.48
N CYS A 361 -20.57 -15.94 -29.28
CA CYS A 361 -20.60 -15.62 -30.70
C CYS A 361 -21.73 -16.33 -31.45
N LEU A 362 -21.98 -17.58 -31.09
CA LEU A 362 -22.98 -18.38 -31.78
C LEU A 362 -24.40 -18.04 -31.36
N HIS A 363 -24.60 -17.61 -30.12
CA HIS A 363 -25.97 -17.53 -29.59
C HIS A 363 -26.47 -16.14 -29.23
N THR A 364 -25.60 -15.14 -29.33
CA THR A 364 -26.07 -13.76 -29.29
C THR A 364 -26.68 -13.51 -30.66
N PRO A 365 -27.97 -13.16 -30.71
CA PRO A 365 -28.61 -13.02 -32.03
C PRO A 365 -27.87 -12.05 -32.95
N GLN A 366 -27.91 -12.35 -34.24
CA GLN A 366 -27.34 -11.44 -35.24
C GLN A 366 -28.13 -10.15 -35.31
N ASP A 367 -27.46 -9.07 -35.70
CA ASP A 367 -28.12 -7.78 -35.84
C ASP A 367 -28.99 -7.76 -37.09
N GLY A 368 -30.29 -7.52 -36.91
CA GLY A 368 -31.20 -7.34 -38.02
C GLY A 368 -31.24 -5.92 -38.57
N PHE A 369 -30.44 -5.04 -37.95
CA PHE A 369 -30.15 -3.69 -38.44
C PHE A 369 -31.21 -2.60 -38.26
N SER A 370 -32.22 -2.85 -37.44
CA SER A 370 -33.24 -1.83 -37.19
C SER A 370 -33.87 -1.97 -35.82
N SER A 371 -34.46 -0.88 -35.35
CA SER A 371 -35.15 -0.89 -34.08
C SER A 371 -36.24 -1.96 -34.03
N SER A 372 -37.03 -2.04 -35.08
CA SER A 372 -38.10 -3.02 -35.14
C SER A 372 -37.58 -4.45 -35.01
N ALA A 373 -36.45 -4.73 -35.67
CA ALA A 373 -35.85 -6.05 -35.64
C ALA A 373 -35.30 -6.36 -34.25
N SER A 374 -34.64 -5.37 -33.65
CA SER A 374 -34.16 -5.52 -32.29
C SER A 374 -35.28 -5.84 -31.32
N VAL A 375 -36.40 -5.14 -31.45
CA VAL A 375 -37.56 -5.36 -30.60
C VAL A 375 -38.15 -6.78 -30.79
N GLU A 376 -38.21 -7.25 -32.02
CA GLU A 376 -38.73 -8.58 -32.27
C GLU A 376 -37.85 -9.68 -31.64
N ILE A 377 -36.53 -9.54 -31.77
CA ILE A 377 -35.59 -10.45 -31.13
C ILE A 377 -35.77 -10.44 -29.61
N LEU A 378 -35.88 -9.25 -29.04
CA LEU A 378 -36.06 -9.10 -27.60
C LEU A 378 -37.39 -9.71 -27.12
N LYS A 379 -38.47 -9.41 -27.83
CA LYS A 379 -39.78 -9.93 -27.45
C LYS A 379 -39.79 -11.45 -27.49
N ASN A 380 -39.03 -12.03 -28.41
CA ASN A 380 -38.95 -13.48 -28.49
C ASN A 380 -38.31 -14.06 -27.24
N LEU A 381 -37.22 -13.44 -26.78
CA LEU A 381 -36.54 -13.92 -25.58
C LEU A 381 -37.41 -13.73 -24.34
N ILE A 382 -38.06 -12.57 -24.24
CA ILE A 382 -38.94 -12.29 -23.12
C ILE A 382 -40.05 -13.33 -23.04
N GLU A 383 -40.65 -13.66 -24.17
CA GLU A 383 -41.74 -14.63 -24.21
C GLU A 383 -41.29 -16.00 -23.69
N ARG A 384 -40.11 -16.46 -24.12
CA ARG A 384 -39.54 -17.73 -23.65
C ARG A 384 -39.33 -17.66 -22.15
N ASN A 385 -38.71 -16.58 -21.66
CA ASN A 385 -38.42 -16.47 -20.25
C ASN A 385 -39.65 -16.42 -19.36
N LEU A 386 -40.68 -15.70 -19.79
CA LEU A 386 -41.87 -15.56 -18.97
C LEU A 386 -42.58 -16.90 -18.82
N ARG A 387 -42.59 -17.68 -19.89
CA ARG A 387 -43.20 -19.00 -19.87
C ARG A 387 -42.43 -19.91 -18.93
N LEU A 388 -41.12 -19.74 -18.90
CA LEU A 388 -40.27 -20.52 -18.03
C LEU A 388 -40.47 -20.14 -16.56
N MET A 389 -40.56 -18.83 -16.31
CA MET A 389 -40.69 -18.29 -14.95
C MET A 389 -42.08 -18.54 -14.35
N LYS A 390 -43.01 -19.02 -15.18
CA LYS A 390 -44.37 -19.29 -14.74
C LYS A 390 -44.47 -20.58 -13.92
N SER B 2 9.25 -19.40 -8.37
CA SER B 2 8.34 -20.35 -7.75
C SER B 2 7.26 -19.62 -6.97
N LEU B 3 6.14 -20.29 -6.74
CA LEU B 3 5.04 -19.71 -5.99
C LEU B 3 5.46 -19.37 -4.56
N PHE B 4 6.25 -20.24 -3.94
CA PHE B 4 6.70 -20.01 -2.57
C PHE B 4 7.58 -18.77 -2.51
N ASN B 5 8.57 -18.71 -3.40
CA ASN B 5 9.47 -17.55 -3.40
C ASN B 5 8.72 -16.26 -3.68
N ASP B 6 7.72 -16.31 -4.56
CA ASP B 6 6.93 -15.12 -4.83
C ASP B 6 6.17 -14.72 -3.57
N LYS B 7 5.68 -15.70 -2.83
CA LYS B 7 4.96 -15.40 -1.59
C LYS B 7 5.86 -14.74 -0.54
N VAL B 8 7.10 -15.24 -0.41
CA VAL B 8 8.05 -14.64 0.52
C VAL B 8 8.36 -13.21 0.07
N ALA B 9 8.59 -13.03 -1.22
CA ALA B 9 8.91 -11.71 -1.74
C ALA B 9 7.80 -10.70 -1.48
N LYS B 10 6.55 -11.15 -1.58
CA LYS B 10 5.40 -10.29 -1.32
C LYS B 10 5.24 -9.96 0.17
N LEU B 11 5.50 -10.93 1.04
CA LEU B 11 5.49 -10.67 2.49
C LEU B 11 6.49 -9.58 2.83
N LEU B 12 7.70 -9.72 2.27
CA LEU B 12 8.74 -8.76 2.57
C LEU B 12 8.41 -7.38 2.00
N ALA B 13 7.86 -7.35 0.80
CA ALA B 13 7.54 -6.07 0.14
C ALA B 13 6.41 -5.35 0.85
N GLY B 14 5.38 -6.10 1.23
CA GLY B 14 4.27 -5.51 1.97
C GLY B 14 4.74 -4.96 3.30
N HIS B 15 5.66 -5.67 3.93
CA HIS B 15 6.19 -5.22 5.21
C HIS B 15 6.95 -3.90 5.05
N GLU B 16 7.79 -3.78 4.02
CA GLU B 16 8.51 -2.53 3.79
C GLU B 16 7.54 -1.38 3.51
N ALA B 17 6.48 -1.63 2.74
CA ALA B 17 5.51 -0.59 2.46
C ALA B 17 4.84 -0.10 3.75
N LEU B 18 4.51 -1.03 4.63
CA LEU B 18 3.94 -0.67 5.93
C LEU B 18 4.94 0.16 6.72
N LEU B 19 6.17 -0.34 6.83
CA LEU B 19 7.17 0.34 7.65
C LEU B 19 7.49 1.73 7.15
N MET B 20 7.41 1.93 5.83
CA MET B 20 7.87 3.19 5.27
C MET B 20 6.79 4.25 5.16
N ARG B 21 5.56 3.90 5.51
CA ARG B 21 4.43 4.81 5.33
C ARG B 21 4.60 6.13 6.10
N LYS B 22 4.41 7.23 5.40
CA LYS B 22 4.58 8.54 6.00
C LYS B 22 3.40 8.84 6.92
N ASN B 23 3.70 9.27 8.14
CA ASN B 23 2.62 9.64 9.04
C ASN B 23 2.17 11.06 8.72
N GLU B 24 0.95 11.39 9.11
CA GLU B 24 0.44 12.72 8.89
C GLU B 24 -0.26 13.18 10.14
N PRO B 25 -0.08 14.46 10.49
CA PRO B 25 -0.74 14.96 11.69
C PRO B 25 -2.25 15.05 11.48
N VAL B 26 -2.98 14.91 12.58
CA VAL B 26 -4.42 15.13 12.55
C VAL B 26 -4.66 16.63 12.77
N GLU B 27 -5.36 17.24 11.81
CA GLU B 27 -5.58 18.69 11.78
C GLU B 27 -6.37 19.14 12.99
N GLU B 28 -7.42 18.40 13.29
CA GLU B 28 -8.28 18.72 14.42
C GLU B 28 -7.56 18.38 15.70
N GLY B 29 -7.36 19.39 16.56
CA GLY B 29 -6.78 19.14 17.85
C GLY B 29 -7.10 20.24 18.84
N ASN B 30 -6.52 20.14 20.02
CA ASN B 30 -6.83 21.10 21.07
C ASN B 30 -5.78 22.18 21.28
N GLY B 31 -4.77 22.22 20.42
CA GLY B 31 -3.73 23.23 20.52
C GLY B 31 -2.61 22.88 21.50
N VAL B 32 -2.79 21.81 22.26
CA VAL B 32 -1.80 21.35 23.22
C VAL B 32 -0.93 20.27 22.58
N ILE B 33 -1.60 19.21 22.14
CA ILE B 33 -0.93 18.11 21.44
C ILE B 33 -1.49 17.88 20.06
N THR B 34 -0.64 17.36 19.19
CA THR B 34 -1.04 16.97 17.85
C THR B 34 -0.99 15.45 17.75
N ARG B 35 -2.13 14.83 17.49
CA ARG B 35 -2.19 13.39 17.21
C ARG B 35 -1.82 13.14 15.75
N TYR B 36 -1.56 11.86 15.43
CA TYR B 36 -1.16 11.45 14.10
C TYR B 36 -2.08 10.38 13.53
N ARG B 37 -2.20 10.34 12.21
CA ARG B 37 -3.17 9.46 11.56
C ARG B 37 -2.93 7.98 11.84
N TYR B 38 -1.67 7.58 11.88
CA TYR B 38 -1.33 6.17 12.02
C TYR B 38 -0.54 5.89 13.29
N PRO B 39 -0.70 4.68 13.85
CA PRO B 39 0.15 4.26 14.95
C PRO B 39 1.61 4.24 14.49
N VAL B 40 2.55 4.45 15.41
CA VAL B 40 3.96 4.28 15.09
C VAL B 40 4.39 2.82 15.10
N LEU B 41 3.73 1.99 15.91
CA LEU B 41 3.95 0.55 15.87
C LEU B 41 2.70 -0.23 16.18
N THR B 42 2.57 -1.37 15.50
CA THR B 42 1.53 -2.37 15.75
C THR B 42 2.21 -3.72 15.69
N ALA B 43 1.48 -4.78 16.05
CA ALA B 43 2.05 -6.12 15.94
C ALA B 43 2.51 -6.45 14.52
N ALA B 44 1.83 -5.89 13.53
CA ALA B 44 2.19 -6.09 12.13
C ALA B 44 3.54 -5.46 11.77
N HIS B 45 4.02 -4.51 12.58
CA HIS B 45 5.32 -3.91 12.35
C HIS B 45 6.49 -4.80 12.77
N THR B 46 6.24 -5.85 13.54
CA THR B 46 7.34 -6.74 13.91
C THR B 46 7.91 -7.36 12.64
N PRO B 47 9.22 -7.63 12.64
CA PRO B 47 9.81 -8.19 11.41
C PRO B 47 9.15 -9.48 10.91
N VAL B 48 9.09 -9.62 9.60
CA VAL B 48 8.56 -10.84 8.99
C VAL B 48 9.35 -12.05 9.49
N PHE B 49 10.65 -11.87 9.69
CA PHE B 49 11.53 -12.96 10.07
C PHE B 49 11.50 -13.28 11.56
N TRP B 50 10.68 -12.53 12.32
CA TRP B 50 10.36 -12.92 13.70
C TRP B 50 9.19 -13.90 13.72
N ARG B 51 8.32 -13.80 12.73
CA ARG B 51 7.03 -14.51 12.78
C ARG B 51 7.00 -15.75 11.91
N TYR B 52 7.55 -15.62 10.70
CA TYR B 52 7.60 -16.71 9.73
C TYR B 52 8.95 -17.41 9.70
N ASP B 53 8.90 -18.73 9.55
CA ASP B 53 10.05 -19.49 9.10
C ASP B 53 10.09 -19.37 7.58
N LEU B 54 11.14 -18.74 7.06
CA LEU B 54 11.20 -18.45 5.63
C LEU B 54 11.79 -19.58 4.79
N ASN B 55 12.13 -20.68 5.44
CA ASN B 55 12.68 -21.84 4.73
C ASN B 55 11.60 -22.77 4.23
N GLU B 56 11.52 -22.95 2.90
CA GLU B 56 10.49 -23.80 2.31
C GLU B 56 10.55 -25.24 2.79
N GLU B 57 11.74 -25.70 3.14
CA GLU B 57 11.94 -27.07 3.56
C GLU B 57 11.26 -27.36 4.89
N THR B 58 11.25 -26.38 5.79
CA THR B 58 10.68 -26.56 7.12
C THR B 58 9.34 -25.84 7.32
N ASN B 59 8.94 -25.01 6.36
CA ASN B 59 7.67 -24.29 6.44
C ASN B 59 7.05 -24.19 5.05
N PRO B 60 6.71 -25.34 4.44
CA PRO B 60 6.28 -25.31 3.04
C PRO B 60 4.98 -24.52 2.80
N PHE B 61 4.12 -24.43 3.81
CA PHE B 61 2.88 -23.67 3.69
C PHE B 61 3.08 -22.18 3.92
N LEU B 62 4.29 -21.80 4.35
CA LEU B 62 4.60 -20.43 4.72
C LEU B 62 3.58 -19.85 5.71
N MET B 63 3.51 -20.47 6.88
CA MET B 63 2.66 -19.96 7.95
C MET B 63 3.51 -19.39 9.08
N GLU B 64 2.92 -18.52 9.87
CA GLU B 64 3.62 -17.97 11.04
C GLU B 64 3.89 -19.06 12.06
N ARG B 65 5.12 -19.07 12.56
CA ARG B 65 5.57 -20.01 13.59
C ARG B 65 5.47 -19.37 14.98
N ILE B 66 5.65 -18.05 15.05
CA ILE B 66 5.58 -17.32 16.32
C ILE B 66 4.72 -16.07 16.14
N GLY B 67 3.48 -16.14 16.61
CA GLY B 67 2.56 -15.02 16.47
C GLY B 67 2.93 -13.86 17.37
N MET B 68 2.76 -12.65 16.86
CA MET B 68 2.98 -11.44 17.66
C MET B 68 1.63 -10.77 17.88
N ASN B 69 1.32 -10.44 19.13
CA ASN B 69 0.00 -9.95 19.50
C ASN B 69 -0.13 -8.42 19.65
N ALA B 70 0.87 -7.78 20.23
CA ALA B 70 0.74 -6.36 20.56
C ALA B 70 2.10 -5.71 20.70
N THR B 71 2.15 -4.41 20.43
CA THR B 71 3.32 -3.60 20.66
C THR B 71 2.86 -2.39 21.48
N LEU B 72 3.29 -2.32 22.73
CA LEU B 72 2.69 -1.39 23.67
C LEU B 72 3.69 -0.81 24.64
N ASN B 73 3.16 0.00 25.55
CA ASN B 73 3.87 0.57 26.69
C ASN B 73 5.38 0.67 26.54
N ALA B 74 5.80 1.57 25.65
CA ALA B 74 7.20 1.63 25.25
C ALA B 74 7.97 2.73 25.98
N GLY B 75 9.19 2.41 26.39
CA GLY B 75 10.10 3.44 26.84
C GLY B 75 10.60 4.19 25.63
N ALA B 76 11.36 5.25 25.83
CA ALA B 76 11.89 6.02 24.70
C ALA B 76 13.14 6.79 25.06
N ILE B 77 14.03 6.91 24.08
CA ILE B 77 15.27 7.65 24.28
C ILE B 77 15.79 8.17 22.94
N LYS B 78 16.39 9.35 22.98
CA LYS B 78 17.13 9.84 21.83
C LYS B 78 18.50 9.19 21.89
N TRP B 79 18.87 8.56 20.79
CA TRP B 79 20.06 7.72 20.77
C TRP B 79 20.84 7.92 19.49
N ASP B 80 22.06 8.45 19.65
CA ASP B 80 22.98 8.64 18.54
C ASP B 80 22.28 9.23 17.31
N GLY B 81 21.48 10.27 17.53
CA GLY B 81 20.80 10.95 16.45
C GLY B 81 19.45 10.39 16.05
N LYS B 82 19.07 9.26 16.64
CA LYS B 82 17.84 8.59 16.24
C LYS B 82 16.81 8.62 17.35
N TYR B 83 15.54 8.40 16.99
CA TYR B 83 14.45 8.32 17.95
C TYR B 83 14.16 6.85 18.23
N LEU B 84 14.37 6.44 19.48
CA LEU B 84 14.24 5.03 19.85
C LEU B 84 13.08 4.79 20.80
N MET B 85 12.32 3.72 20.52
CA MET B 85 11.41 3.16 21.49
C MET B 85 11.95 1.86 22.06
N LEU B 86 11.74 1.67 23.35
CA LEU B 86 12.00 0.40 23.99
C LEU B 86 10.65 -0.27 24.17
N VAL B 87 10.28 -1.07 23.18
CA VAL B 87 8.93 -1.55 23.02
C VAL B 87 8.66 -2.74 23.92
N ARG B 88 7.47 -2.76 24.51
CA ARG B 88 6.95 -3.98 25.12
C ARG B 88 6.21 -4.72 24.02
N VAL B 89 6.77 -5.86 23.60
CA VAL B 89 6.15 -6.69 22.57
C VAL B 89 5.53 -7.89 23.24
N GLU B 90 4.23 -8.08 23.04
CA GLU B 90 3.58 -9.26 23.60
C GLU B 90 3.33 -10.30 22.51
N GLY B 91 3.87 -11.49 22.72
CA GLY B 91 3.63 -12.58 21.78
C GLY B 91 2.22 -13.16 21.90
N ALA B 92 1.85 -13.96 20.91
CA ALA B 92 0.62 -14.73 21.00
C ALA B 92 0.63 -15.65 22.21
N ASP B 93 1.82 -15.96 22.74
CA ASP B 93 1.92 -16.80 23.94
C ASP B 93 1.63 -16.08 25.24
N ARG B 94 1.34 -14.78 25.15
CA ARG B 94 0.97 -13.91 26.27
C ARG B 94 2.14 -13.44 27.12
N LYS B 95 3.35 -13.85 26.76
CA LYS B 95 4.53 -13.27 27.39
C LYS B 95 4.97 -12.02 26.65
N SER B 96 5.48 -11.06 27.42
CA SER B 96 6.07 -9.87 26.83
C SER B 96 7.58 -9.94 26.90
N PHE B 97 8.22 -9.27 25.95
CA PHE B 97 9.65 -9.08 25.99
C PHE B 97 9.94 -7.69 25.47
N PHE B 98 11.17 -7.23 25.65
CA PHE B 98 11.54 -5.90 25.24
C PHE B 98 12.23 -5.93 23.88
N ALA B 99 12.07 -4.88 23.11
CA ALA B 99 12.71 -4.81 21.80
C ALA B 99 12.89 -3.36 21.38
N VAL B 100 14.09 -3.04 20.90
CA VAL B 100 14.35 -1.68 20.43
C VAL B 100 13.81 -1.47 19.03
N ALA B 101 13.16 -0.33 18.83
CA ALA B 101 12.77 0.12 17.49
C ALA B 101 13.28 1.55 17.28
N GLU B 102 13.77 1.84 16.08
CA GLU B 102 14.32 3.17 15.80
C GLU B 102 13.70 3.85 14.58
N SER B 103 13.65 5.18 14.63
CA SER B 103 13.12 6.02 13.57
C SER B 103 14.07 7.18 13.34
N PRO B 104 14.17 7.65 12.09
CA PRO B 104 15.00 8.82 11.79
C PRO B 104 14.33 10.15 12.17
N ASN B 105 13.02 10.16 12.35
CA ASN B 105 12.29 11.42 12.49
C ASN B 105 11.34 11.52 13.69
N GLY B 106 11.06 10.39 14.32
CA GLY B 106 10.26 10.37 15.54
C GLY B 106 8.77 10.13 15.37
N ILE B 107 8.27 10.21 14.14
CA ILE B 107 6.84 10.00 13.91
C ILE B 107 6.50 8.87 12.94
N ASP B 108 7.48 8.37 12.19
CA ASP B 108 7.22 7.24 11.30
C ASP B 108 8.52 6.53 10.97
N ASN B 109 8.41 5.47 10.19
CA ASN B 109 9.57 4.67 9.79
C ASN B 109 10.30 4.08 10.98
N PHE B 110 9.55 3.75 12.02
CA PHE B 110 10.13 2.96 13.11
C PHE B 110 10.35 1.55 12.61
N ARG B 111 11.52 1.02 12.91
CA ARG B 111 11.86 -0.34 12.52
C ARG B 111 12.52 -1.04 13.69
N PHE B 112 12.09 -2.26 13.98
CA PHE B 112 12.73 -3.03 15.04
C PHE B 112 14.16 -3.40 14.68
N TRP B 113 15.06 -3.28 15.65
CA TRP B 113 16.36 -3.94 15.52
C TRP B 113 16.12 -5.42 15.29
N GLU B 114 17.01 -6.06 14.53
CA GLU B 114 16.74 -7.44 14.09
C GLU B 114 16.58 -8.45 15.23
N TYR B 115 17.29 -8.22 16.33
CA TYR B 115 17.09 -9.03 17.54
C TYR B 115 16.45 -8.19 18.61
N PRO B 116 15.56 -8.81 19.40
CA PRO B 116 14.96 -8.12 20.54
C PRO B 116 15.98 -8.08 21.69
N VAL B 117 15.55 -7.58 22.84
CA VAL B 117 16.42 -7.45 23.99
C VAL B 117 16.61 -8.76 24.74
N THR B 118 17.87 -9.12 24.97
CA THR B 118 18.20 -10.21 25.86
C THR B 118 18.43 -9.64 27.25
N LEU B 119 17.52 -9.96 28.17
CA LEU B 119 17.56 -9.42 29.51
C LEU B 119 17.82 -10.55 30.50
N PRO B 120 19.01 -10.55 31.12
CA PRO B 120 19.30 -11.59 32.11
C PRO B 120 18.35 -11.55 33.30
N GLU B 121 18.08 -12.72 33.87
CA GLU B 121 17.24 -12.82 35.06
C GLU B 121 18.02 -12.29 36.26
N ASP B 122 17.28 -11.78 37.24
CA ASP B 122 17.82 -11.57 38.58
C ASP B 122 17.84 -12.93 39.29
N VAL B 123 18.23 -12.95 40.56
CA VAL B 123 18.38 -14.19 41.32
C VAL B 123 17.12 -15.04 41.28
N VAL B 124 15.97 -14.40 41.44
CA VAL B 124 14.69 -15.09 41.30
C VAL B 124 14.13 -14.84 39.90
N PRO B 125 13.93 -15.91 39.12
CA PRO B 125 13.42 -15.74 37.76
C PRO B 125 12.04 -15.08 37.74
N ALA B 126 11.79 -14.35 36.66
CA ALA B 126 10.51 -13.69 36.49
C ALA B 126 9.74 -14.37 35.37
N THR B 127 8.42 -14.36 35.48
CA THR B 127 7.59 -14.91 34.41
C THR B 127 7.38 -13.91 33.30
N ASN B 128 7.04 -12.67 33.67
CA ASN B 128 6.84 -11.63 32.67
C ASN B 128 7.63 -10.39 33.05
N VAL B 129 8.08 -9.66 32.04
CA VAL B 129 8.72 -8.38 32.25
C VAL B 129 8.01 -7.37 31.36
N TYR B 130 7.81 -6.17 31.86
CA TYR B 130 7.08 -5.16 31.08
C TYR B 130 7.30 -3.71 31.47
N ASP B 131 6.98 -2.82 30.54
CA ASP B 131 6.84 -1.37 30.79
C ASP B 131 8.14 -0.74 31.26
N MET B 132 9.17 -0.80 30.43
CA MET B 132 10.47 -0.31 30.85
C MET B 132 10.54 1.20 30.63
N ARG B 133 10.97 1.92 31.65
CA ARG B 133 11.35 3.33 31.47
C ARG B 133 12.85 3.42 31.34
N LEU B 134 13.30 4.08 30.28
CA LEU B 134 14.73 4.34 30.09
C LEU B 134 15.14 5.67 30.72
N THR B 135 16.27 5.66 31.44
CA THR B 135 16.85 6.89 31.95
C THR B 135 18.33 6.95 31.63
N ALA B 136 18.71 7.95 30.84
CA ALA B 136 20.12 8.29 30.67
C ALA B 136 20.54 9.04 31.93
N HIS B 137 21.16 8.32 32.86
CA HIS B 137 21.51 8.92 34.13
C HIS B 137 22.84 9.65 34.01
N GLU B 138 23.04 10.65 34.87
CA GLU B 138 24.28 11.41 34.83
C GLU B 138 25.49 10.54 35.15
N ASP B 139 25.29 9.37 35.74
CA ASP B 139 26.38 8.44 36.03
C ASP B 139 26.93 7.72 34.79
N GLY B 140 26.33 8.00 33.64
CA GLY B 140 26.84 7.49 32.39
C GLY B 140 26.17 6.24 31.88
N TRP B 141 25.28 5.66 32.68
CA TRP B 141 24.58 4.45 32.27
C TRP B 141 23.18 4.78 31.76
N ILE B 142 22.68 3.96 30.84
CA ILE B 142 21.26 3.94 30.55
C ILE B 142 20.63 2.89 31.44
N TYR B 143 19.71 3.32 32.31
CA TYR B 143 18.94 2.39 33.14
C TYR B 143 17.60 2.11 32.53
N GLY B 144 17.18 0.85 32.61
CA GLY B 144 15.82 0.47 32.35
C GLY B 144 15.20 -0.06 33.62
N ILE B 145 14.14 0.62 34.07
CA ILE B 145 13.41 0.18 35.26
C ILE B 145 12.07 -0.34 34.78
N PHE B 146 11.75 -1.57 35.15
CA PHE B 146 10.61 -2.27 34.58
C PHE B 146 9.86 -3.05 35.64
N CYS B 147 8.76 -3.66 35.25
CA CYS B 147 8.04 -4.54 36.15
C CYS B 147 8.45 -5.98 35.89
N ALA B 148 8.85 -6.67 36.97
CA ALA B 148 9.11 -8.10 36.92
C ALA B 148 8.01 -8.82 37.69
N GLU B 149 7.25 -9.66 37.01
CA GLU B 149 6.07 -10.29 37.59
C GLU B 149 6.27 -11.79 37.76
N ARG B 150 5.78 -12.29 38.91
CA ARG B 150 5.88 -13.70 39.27
C ARG B 150 4.56 -14.18 39.85
N HIS B 151 4.28 -15.48 39.79
CA HIS B 151 3.09 -16.02 40.42
C HIS B 151 3.24 -15.91 41.93
N ASP B 152 2.13 -15.59 42.61
CA ASP B 152 2.11 -15.50 44.06
C ASP B 152 2.04 -16.89 44.67
N ASP B 153 3.13 -17.31 45.31
CA ASP B 153 3.22 -18.63 45.93
C ASP B 153 2.20 -18.84 47.05
N ASN B 154 1.69 -17.74 47.59
CA ASN B 154 0.71 -17.82 48.66
C ASN B 154 -0.66 -18.28 48.17
N ALA B 155 -0.91 -18.10 46.88
CA ALA B 155 -2.20 -18.41 46.27
C ALA B 155 -2.75 -19.80 46.62
N PRO B 156 -4.05 -19.88 46.86
CA PRO B 156 -4.65 -21.19 47.16
C PRO B 156 -4.80 -22.06 45.93
N ILE B 157 -5.26 -23.30 46.14
CA ILE B 157 -5.50 -24.26 45.07
C ILE B 157 -6.36 -23.70 43.93
N GLY B 158 -5.88 -23.86 42.70
CA GLY B 158 -6.62 -23.43 41.54
C GLY B 158 -6.38 -21.99 41.14
N ASP B 159 -5.76 -21.20 42.03
CA ASP B 159 -5.49 -19.79 41.75
C ASP B 159 -4.20 -19.65 40.93
N LEU B 160 -4.37 -19.46 39.62
CA LEU B 160 -3.24 -19.30 38.72
C LEU B 160 -3.14 -17.87 38.23
N SER B 161 -3.78 -16.94 38.95
CA SER B 161 -3.79 -15.55 38.56
C SER B 161 -3.10 -14.62 39.55
N SER B 162 -3.12 -14.97 40.84
CA SER B 162 -2.49 -14.12 41.83
C SER B 162 -1.00 -13.99 41.55
N ALA B 163 -0.53 -12.74 41.57
CA ALA B 163 0.83 -12.43 41.14
C ALA B 163 1.47 -11.39 42.04
N THR B 164 2.78 -11.26 41.93
CA THR B 164 3.50 -10.22 42.66
C THR B 164 4.34 -9.46 41.66
N ALA B 165 4.54 -8.18 41.94
CA ALA B 165 5.31 -7.30 41.07
C ALA B 165 6.51 -6.77 41.85
N THR B 166 7.69 -6.85 41.25
CA THR B 166 8.86 -6.15 41.77
C THR B 166 9.35 -5.18 40.71
N ALA B 167 10.12 -4.19 41.13
CA ALA B 167 10.78 -3.31 40.17
C ALA B 167 12.12 -3.90 39.74
N GLY B 168 12.18 -4.32 38.49
CA GLY B 168 13.43 -4.79 37.91
C GLY B 168 14.31 -3.62 37.48
N ILE B 169 15.62 -3.79 37.65
CA ILE B 169 16.59 -2.75 37.32
C ILE B 169 17.68 -3.35 36.46
N ALA B 170 17.88 -2.76 35.29
CA ALA B 170 18.96 -3.19 34.42
C ALA B 170 19.64 -1.96 33.85
N ARG B 171 20.90 -2.12 33.42
CA ARG B 171 21.58 -0.99 32.80
C ARG B 171 22.43 -1.43 31.62
N THR B 172 22.72 -0.46 30.77
CA THR B 172 23.39 -0.72 29.51
C THR B 172 24.06 0.54 29.02
N LYS B 173 25.07 0.38 28.18
CA LYS B 173 25.65 1.51 27.48
C LYS B 173 25.45 1.40 25.96
N ASP B 174 24.82 0.33 25.49
CA ASP B 174 24.58 0.18 24.06
C ASP B 174 23.20 -0.35 23.67
N LEU B 175 22.35 -0.61 24.67
CA LEU B 175 21.00 -1.15 24.46
C LEU B 175 20.99 -2.57 23.86
N LYS B 176 22.15 -3.22 23.86
CA LYS B 176 22.26 -4.60 23.39
C LYS B 176 22.74 -5.52 24.49
N ASN B 177 23.77 -5.09 25.21
CA ASN B 177 24.27 -5.85 26.34
C ASN B 177 23.73 -5.25 27.63
N TRP B 178 22.87 -6.01 28.30
CA TRP B 178 22.18 -5.51 29.49
C TRP B 178 22.67 -6.22 30.74
N GLU B 179 23.02 -5.43 31.75
CA GLU B 179 23.40 -5.96 33.05
C GLU B 179 22.21 -5.90 33.97
N ARG B 180 21.83 -7.05 34.51
CA ARG B 180 20.71 -7.09 35.43
C ARG B 180 21.17 -6.88 36.86
N LEU B 181 20.69 -5.80 37.48
CA LEU B 181 21.01 -5.51 38.87
C LEU B 181 19.95 -6.16 39.78
N PRO B 182 20.19 -6.17 41.10
CA PRO B 182 19.16 -6.76 41.98
C PRO B 182 17.83 -6.00 41.91
N ASP B 183 16.74 -6.75 41.91
CA ASP B 183 15.41 -6.16 41.98
C ASP B 183 15.34 -5.20 43.18
N LEU B 184 14.56 -4.14 43.04
CA LEU B 184 14.39 -3.17 44.12
C LEU B 184 13.82 -3.84 45.37
N LYS B 185 14.48 -3.61 46.49
CA LYS B 185 13.99 -4.09 47.79
C LYS B 185 13.10 -3.04 48.42
N THR B 186 11.92 -3.46 48.86
CA THR B 186 10.88 -2.54 49.29
C THR B 186 9.84 -3.26 50.13
N LYS B 187 9.15 -2.53 50.99
CA LYS B 187 8.21 -3.13 51.94
C LYS B 187 6.83 -3.43 51.36
N SER B 188 6.53 -2.87 50.20
CA SER B 188 5.28 -3.19 49.51
C SER B 188 5.53 -3.56 48.06
N GLN B 189 4.49 -3.97 47.36
CA GLN B 189 4.58 -4.16 45.93
C GLN B 189 4.87 -2.82 45.27
N GLN B 190 5.58 -2.87 44.14
CA GLN B 190 5.86 -1.67 43.35
C GLN B 190 5.65 -1.96 41.86
N ARG B 191 5.05 -0.99 41.17
CA ARG B 191 5.03 -0.98 39.71
C ARG B 191 5.15 0.51 39.35
N ASN B 192 5.52 0.81 38.11
CA ASN B 192 5.72 2.19 37.67
C ASN B 192 6.85 2.91 38.38
N VAL B 193 7.89 2.16 38.70
CA VAL B 193 9.10 2.75 39.27
C VAL B 193 9.93 3.33 38.11
N VAL B 194 10.51 4.51 38.34
CA VAL B 194 11.18 5.27 37.29
C VAL B 194 12.37 5.98 37.89
N LEU B 195 13.52 5.94 37.21
CA LEU B 195 14.71 6.63 37.69
C LEU B 195 14.79 8.10 37.25
N HIS B 196 14.93 8.99 38.22
CA HIS B 196 15.19 10.40 37.96
C HIS B 196 16.59 10.54 37.37
N PRO B 197 16.78 11.44 36.38
CA PRO B 197 18.07 11.43 35.67
C PRO B 197 19.26 12.08 36.39
N GLU B 198 19.00 12.81 37.47
CA GLU B 198 20.08 13.45 38.21
C GLU B 198 20.16 12.90 39.62
N PHE B 199 21.37 12.90 40.18
CA PHE B 199 21.51 12.66 41.61
C PHE B 199 20.80 13.78 42.37
N VAL B 200 20.26 13.42 43.52
CA VAL B 200 19.65 14.38 44.44
C VAL B 200 20.26 14.10 45.79
N ASP B 201 20.88 15.12 46.37
CA ASP B 201 21.68 14.97 47.59
C ASP B 201 22.70 13.83 47.42
N GLY B 202 23.25 13.70 46.22
CA GLY B 202 24.26 12.71 45.93
C GLY B 202 23.72 11.30 45.84
N LYS B 203 22.40 11.15 45.82
CA LYS B 203 21.78 9.83 45.81
C LYS B 203 20.95 9.62 44.55
N TYR B 204 20.75 8.37 44.17
CA TYR B 204 19.81 8.03 43.11
C TYR B 204 18.41 8.34 43.61
N ALA B 205 17.55 8.82 42.73
CA ALA B 205 16.19 9.16 43.09
C ALA B 205 15.22 8.39 42.22
N LEU B 206 14.28 7.70 42.87
CA LEU B 206 13.25 6.92 42.18
C LEU B 206 11.88 7.51 42.38
N TYR B 207 11.09 7.52 41.32
CA TYR B 207 9.64 7.66 41.41
C TYR B 207 9.11 6.27 41.68
N THR B 208 8.22 6.17 42.67
CA THR B 208 7.70 4.89 43.11
C THR B 208 6.18 4.90 43.08
N ARG B 209 5.57 3.75 43.32
CA ARG B 209 4.11 3.69 43.39
C ARG B 209 3.75 2.54 44.31
N PRO B 210 3.81 2.79 45.62
CA PRO B 210 3.49 1.72 46.58
C PRO B 210 2.06 1.20 46.38
N GLN B 211 1.90 -0.12 46.44
CA GLN B 211 0.59 -0.74 46.26
C GLN B 211 0.46 -1.97 47.16
N ASP B 212 -0.70 -2.14 47.77
CA ASP B 212 -0.90 -3.26 48.69
C ASP B 212 -1.08 -4.60 47.97
N GLY B 213 -1.52 -4.53 46.71
CA GLY B 213 -1.76 -5.74 45.95
C GLY B 213 -1.24 -5.64 44.53
N PHE B 214 -1.43 -6.70 43.77
CA PHE B 214 -0.93 -6.79 42.40
C PHE B 214 -1.65 -5.83 41.46
N ILE B 215 -2.95 -5.64 41.66
CA ILE B 215 -3.73 -4.75 40.81
C ILE B 215 -4.24 -3.52 41.57
N ASP B 216 -4.76 -3.75 42.78
CA ASP B 216 -5.26 -2.67 43.62
C ASP B 216 -4.17 -2.07 44.50
N THR B 217 -4.16 -0.74 44.63
CA THR B 217 -3.12 -0.08 45.43
C THR B 217 -3.44 -0.11 46.93
N GLY B 218 -4.71 -0.25 47.27
CA GLY B 218 -5.11 -0.26 48.67
C GLY B 218 -4.78 1.05 49.34
N SER B 219 -3.87 1.01 50.32
CA SER B 219 -3.49 2.21 51.07
C SER B 219 -2.54 3.13 50.31
N GLY B 220 -1.96 2.63 49.21
CA GLY B 220 -1.02 3.41 48.40
C GLY B 220 -1.60 4.74 47.99
N GLY B 221 -0.92 5.82 48.35
CA GLY B 221 -1.48 7.16 48.26
C GLY B 221 -1.24 7.89 46.96
N GLY B 222 -0.34 7.37 46.13
CA GLY B 222 -0.04 8.00 44.85
C GLY B 222 1.36 7.71 44.34
N ILE B 223 1.93 8.68 43.65
CA ILE B 223 3.27 8.56 43.10
C ILE B 223 4.25 9.02 44.16
N GLY B 224 5.21 8.16 44.48
CA GLY B 224 6.16 8.43 45.54
C GLY B 224 7.57 8.78 45.07
N TRP B 225 8.38 9.18 46.02
CA TRP B 225 9.76 9.60 45.78
C TRP B 225 10.63 8.95 46.83
N ALA B 226 11.67 8.26 46.38
CA ALA B 226 12.59 7.56 47.27
C ALA B 226 14.02 7.77 46.83
N LEU B 227 14.87 8.23 47.76
CA LEU B 227 16.30 8.33 47.51
C LEU B 227 17.00 7.01 47.87
N ILE B 228 17.89 6.60 46.99
CA ILE B 228 18.58 5.30 47.04
C ILE B 228 20.07 5.55 47.01
N ASP B 229 20.80 5.03 48.00
CA ASP B 229 22.25 5.24 48.04
C ASP B 229 22.99 4.53 46.90
N ASP B 230 22.59 3.29 46.62
CA ASP B 230 23.36 2.42 45.73
C ASP B 230 22.39 1.71 44.79
N ILE B 231 22.38 2.13 43.53
CA ILE B 231 21.45 1.57 42.54
C ILE B 231 21.76 0.09 42.29
N THR B 232 22.97 -0.35 42.61
CA THR B 232 23.34 -1.77 42.44
C THR B 232 22.96 -2.65 43.63
N HIS B 233 22.42 -2.04 44.67
CA HIS B 233 21.85 -2.78 45.79
C HIS B 233 20.67 -1.96 46.29
N ALA B 234 19.71 -1.75 45.41
CA ALA B 234 18.70 -0.72 45.62
C ALA B 234 17.68 -1.14 46.68
N GLU B 235 17.49 -0.28 47.68
CA GLU B 235 16.51 -0.53 48.71
C GLU B 235 15.86 0.77 49.16
N VAL B 236 14.54 0.78 49.23
CA VAL B 236 13.84 1.97 49.69
C VAL B 236 13.87 2.06 51.21
N GLY B 237 14.24 3.24 51.69
CA GLY B 237 14.11 3.58 53.10
C GLY B 237 12.96 4.57 53.23
N GLU B 238 13.28 5.85 53.18
CA GLU B 238 12.26 6.90 53.24
C GLU B 238 11.54 7.03 51.89
N GLU B 239 10.24 7.25 51.95
CA GLU B 239 9.41 7.35 50.77
C GLU B 239 8.32 8.40 51.00
N LYS B 240 8.22 9.36 50.07
CA LYS B 240 7.33 10.49 50.19
C LYS B 240 6.39 10.52 49.01
N ILE B 241 5.10 10.72 49.25
CA ILE B 241 4.16 10.85 48.14
C ILE B 241 4.24 12.25 47.53
N ILE B 242 4.46 12.32 46.23
CA ILE B 242 4.58 13.57 45.48
C ILE B 242 3.28 13.99 44.83
N ASP B 243 2.60 13.03 44.19
CA ASP B 243 1.35 13.35 43.53
C ASP B 243 0.29 12.37 43.94
N LYS B 244 -0.78 12.89 44.53
CA LYS B 244 -1.77 12.09 45.24
C LYS B 244 -2.99 11.74 44.42
N ARG B 245 -3.61 10.62 44.78
CA ARG B 245 -4.92 10.26 44.25
C ARG B 245 -5.97 11.16 44.90
N TYR B 246 -7.07 11.38 44.20
CA TYR B 246 -8.17 12.18 44.74
C TYR B 246 -9.51 11.63 44.27
N TYR B 247 -10.47 11.57 45.18
CA TYR B 247 -11.84 11.20 44.83
C TYR B 247 -12.40 12.05 43.71
N HIS B 248 -13.02 11.38 42.75
CA HIS B 248 -13.74 12.00 41.63
C HIS B 248 -12.88 12.78 40.66
N THR B 249 -11.60 12.42 40.62
CA THR B 249 -10.70 12.86 39.56
C THR B 249 -10.35 11.70 38.65
N ILE B 250 -9.58 12.00 37.62
CA ILE B 250 -9.14 10.97 36.69
C ILE B 250 -8.08 10.04 37.30
N LYS B 251 -7.61 10.39 38.49
CA LYS B 251 -6.65 9.56 39.22
C LYS B 251 -7.21 9.18 40.57
N GLU B 252 -8.40 8.60 40.57
CA GLU B 252 -9.06 8.22 41.80
C GLU B 252 -8.56 6.91 42.40
N VAL B 253 -8.51 5.85 41.59
CA VAL B 253 -8.24 4.50 42.07
C VAL B 253 -6.74 4.20 42.13
N LYS B 254 -6.01 4.63 41.11
CA LYS B 254 -4.56 4.57 41.15
C LYS B 254 -3.97 5.57 40.19
N ASN B 255 -2.66 5.73 40.28
CA ASN B 255 -1.93 6.56 39.35
C ASN B 255 -0.51 6.03 39.28
N GLY B 256 0.29 6.58 38.36
CA GLY B 256 1.67 6.15 38.25
C GLY B 256 2.46 7.04 37.33
N GLU B 257 3.72 7.25 37.67
CA GLU B 257 4.59 8.03 36.80
C GLU B 257 4.75 7.30 35.48
N GLY B 258 4.83 8.05 34.38
CA GLY B 258 5.08 7.47 33.07
C GLY B 258 6.57 7.40 32.78
N PRO B 259 7.04 8.13 31.75
CA PRO B 259 8.48 8.29 31.56
C PRO B 259 9.09 9.16 32.66
N HIS B 260 10.42 9.21 32.75
CA HIS B 260 11.00 10.18 33.67
C HIS B 260 10.69 11.59 33.16
N PRO B 261 10.54 12.55 34.07
CA PRO B 261 10.14 13.90 33.65
C PRO B 261 11.22 14.62 32.83
N ILE B 262 10.77 15.62 32.09
CA ILE B 262 11.66 16.48 31.31
C ILE B 262 12.03 17.72 32.12
N LYS B 263 13.32 18.05 32.12
CA LYS B 263 13.80 19.26 32.79
C LYS B 263 13.51 20.50 31.94
N THR B 264 12.80 21.47 32.52
CA THR B 264 12.54 22.73 31.84
C THR B 264 12.99 23.87 32.74
N PRO B 265 13.11 25.08 32.19
CA PRO B 265 13.52 26.20 33.05
C PRO B 265 12.51 26.47 34.16
N GLN B 266 11.27 26.03 33.97
CA GLN B 266 10.19 26.28 34.92
C GLN B 266 10.05 25.18 35.97
N GLY B 267 10.76 24.07 35.78
CA GLY B 267 10.60 22.92 36.66
C GLY B 267 10.63 21.61 35.92
N TRP B 268 10.46 20.52 36.66
CA TRP B 268 10.34 19.21 36.05
C TRP B 268 8.92 18.99 35.53
N LEU B 269 8.83 18.59 34.26
CA LEU B 269 7.58 18.40 33.55
C LEU B 269 7.27 16.89 33.52
N HIS B 270 6.17 16.51 34.16
CA HIS B 270 5.83 15.09 34.33
C HIS B 270 4.66 14.62 33.46
N LEU B 271 4.76 13.38 33.03
CA LEU B 271 3.66 12.70 32.36
C LEU B 271 3.36 11.42 33.15
N ALA B 272 2.09 11.24 33.51
CA ALA B 272 1.66 10.13 34.35
C ALA B 272 0.35 9.53 33.82
N HIS B 273 -0.07 8.41 34.39
CA HIS B 273 -1.39 7.88 34.11
C HIS B 273 -2.25 7.89 35.36
N GLY B 274 -3.55 8.04 35.14
CA GLY B 274 -4.53 8.02 36.21
C GLY B 274 -5.61 7.02 35.86
N VAL B 275 -6.12 6.34 36.88
CA VAL B 275 -7.10 5.27 36.70
C VAL B 275 -8.34 5.53 37.56
N ARG B 276 -9.52 5.24 37.00
CA ARG B 276 -10.74 5.16 37.78
C ARG B 276 -11.51 3.93 37.34
N ASN B 277 -12.49 3.54 38.16
CA ASN B 277 -13.35 2.43 37.81
C ASN B 277 -14.64 2.94 37.17
N CYS B 278 -15.19 2.16 36.24
CA CYS B 278 -16.50 2.45 35.66
C CYS B 278 -17.19 1.14 35.36
N ALA B 279 -18.39 1.21 34.79
CA ALA B 279 -19.18 0.00 34.56
C ALA B 279 -18.49 -0.98 33.60
N ALA B 280 -17.55 -0.48 32.81
CA ALA B 280 -16.83 -1.27 31.82
C ALA B 280 -15.48 -1.79 32.31
N GLY B 281 -15.10 -1.44 33.53
CA GLY B 281 -13.80 -1.84 34.05
C GLY B 281 -12.96 -0.63 34.43
N LEU B 282 -11.65 -0.79 34.35
CA LEU B 282 -10.74 0.31 34.67
C LEU B 282 -10.51 1.20 33.45
N ARG B 283 -10.50 2.50 33.68
CA ARG B 283 -10.28 3.47 32.62
C ARG B 283 -8.99 4.24 32.90
N TYR B 284 -8.06 4.20 31.95
CA TYR B 284 -6.74 4.82 32.11
C TYR B 284 -6.61 6.02 31.18
N VAL B 285 -6.20 7.16 31.73
CA VAL B 285 -5.92 8.34 30.93
C VAL B 285 -4.55 8.90 31.32
N LEU B 286 -4.03 9.81 30.50
CA LEU B 286 -2.77 10.47 30.84
C LEU B 286 -3.03 11.83 31.49
N TYR B 287 -2.13 12.23 32.39
CA TYR B 287 -2.20 13.57 32.95
C TYR B 287 -0.79 14.09 33.22
N MET B 288 -0.68 15.39 33.47
CA MET B 288 0.62 16.03 33.70
C MET B 288 0.67 16.77 35.02
N TYR B 289 1.88 16.98 35.52
CA TYR B 289 2.08 17.86 36.65
C TYR B 289 3.51 18.37 36.60
N MET B 290 3.81 19.39 37.39
CA MET B 290 5.19 19.87 37.45
C MET B 290 5.69 19.93 38.88
N THR B 291 7.01 19.75 39.03
CA THR B 291 7.65 19.93 40.32
C THR B 291 8.83 20.90 40.22
N SER B 292 9.28 21.38 41.38
CA SER B 292 10.32 22.40 41.46
C SER B 292 11.71 21.88 41.12
N LEU B 293 12.50 22.71 40.45
CA LEU B 293 13.91 22.39 40.23
C LEU B 293 14.66 22.38 41.56
N ASP B 294 14.38 23.36 42.42
CA ASP B 294 15.03 23.41 43.72
C ASP B 294 14.71 22.20 44.57
N ASP B 295 13.45 21.78 44.54
CA ASP B 295 12.99 20.64 45.33
C ASP B 295 12.05 19.82 44.45
N PRO B 296 12.58 18.77 43.80
CA PRO B 296 11.77 17.97 42.88
C PRO B 296 10.63 17.23 43.57
N THR B 297 10.54 17.28 44.91
CA THR B 297 9.40 16.66 45.59
C THR B 297 8.21 17.61 45.72
N ARG B 298 8.41 18.87 45.35
CA ARG B 298 7.41 19.91 45.57
C ARG B 298 6.61 20.19 44.31
N LEU B 299 5.31 19.93 44.34
CA LEU B 299 4.42 20.27 43.23
C LEU B 299 4.36 21.77 43.00
N ILE B 300 4.47 22.17 41.73
CA ILE B 300 4.30 23.58 41.38
C ILE B 300 3.30 23.80 40.26
N ALA B 301 2.78 22.72 39.68
CA ALA B 301 1.67 22.82 38.74
C ALA B 301 0.85 21.56 38.75
N SER B 302 -0.47 21.74 38.86
CA SER B 302 -1.44 20.65 38.88
C SER B 302 -2.64 21.03 38.03
N PRO B 303 -2.47 21.01 36.70
CA PRO B 303 -3.62 21.28 35.84
C PRO B 303 -4.73 20.26 36.13
N ALA B 304 -5.98 20.72 36.13
CA ALA B 304 -7.10 19.81 36.37
C ALA B 304 -7.23 18.77 35.27
N GLY B 305 -7.66 17.59 35.65
CA GLY B 305 -8.16 16.60 34.70
C GLY B 305 -7.12 15.91 33.87
N TYR B 306 -7.57 15.32 32.76
CA TYR B 306 -6.67 14.58 31.90
C TYR B 306 -5.99 15.46 30.86
N PHE B 307 -4.80 15.02 30.47
CA PHE B 307 -4.01 15.62 29.42
C PHE B 307 -4.40 14.97 28.09
N MET B 308 -4.49 13.65 28.09
CA MET B 308 -4.96 12.88 26.93
C MET B 308 -5.80 11.73 27.42
N ALA B 309 -6.85 11.42 26.67
CA ALA B 309 -7.73 10.28 26.94
C ALA B 309 -8.01 9.60 25.61
N PRO B 310 -8.45 8.33 25.63
CA PRO B 310 -8.66 7.64 24.35
C PRO B 310 -9.63 8.35 23.41
N VAL B 311 -9.18 8.53 22.17
CA VAL B 311 -9.96 9.10 21.07
C VAL B 311 -10.02 8.09 19.93
N GLY B 312 -11.21 7.90 19.35
CA GLY B 312 -11.37 7.08 18.15
C GLY B 312 -10.83 5.66 18.28
N GLU B 313 -9.93 5.28 17.38
CA GLU B 313 -9.36 3.94 17.33
C GLU B 313 -8.67 3.55 18.64
N GLU B 314 -8.22 4.56 19.40
CA GLU B 314 -7.52 4.35 20.65
C GLU B 314 -8.37 3.65 21.69
N ARG B 315 -9.68 3.79 21.56
CA ARG B 315 -10.59 3.31 22.59
C ARG B 315 -10.67 1.79 22.68
N ILE B 316 -10.26 1.12 21.60
CA ILE B 316 -10.51 -0.31 21.45
C ILE B 316 -9.22 -1.11 21.30
N GLY B 317 -9.14 -2.22 22.01
CA GLY B 317 -8.02 -3.15 21.85
C GLY B 317 -8.12 -4.26 22.86
N ASP B 318 -7.01 -4.95 23.12
CA ASP B 318 -7.03 -6.04 24.10
C ASP B 318 -7.53 -5.59 25.46
N VAL B 319 -7.13 -4.39 25.86
CA VAL B 319 -7.57 -3.82 27.14
C VAL B 319 -8.07 -2.41 26.84
N SER B 320 -9.34 -2.35 26.45
CA SER B 320 -9.93 -1.14 25.91
C SER B 320 -10.01 -0.04 26.96
N ASN B 321 -10.20 1.20 26.50
CA ASN B 321 -10.43 2.33 27.39
C ASN B 321 -9.16 2.72 28.17
N VAL B 322 -8.00 2.54 27.54
CA VAL B 322 -6.70 2.79 28.15
C VAL B 322 -5.78 3.61 27.23
N LEU B 323 -5.21 4.68 27.76
CA LEU B 323 -3.96 5.24 27.24
C LEU B 323 -2.88 5.00 28.29
N PHE B 324 -1.65 4.77 27.85
CA PHE B 324 -0.55 4.54 28.78
C PHE B 324 0.73 5.05 28.13
N SER B 325 1.55 5.78 28.88
CA SER B 325 2.84 6.22 28.32
C SER B 325 3.97 6.01 29.30
N ASN B 326 5.05 5.42 28.81
CA ASN B 326 6.26 5.34 29.61
C ASN B 326 7.47 5.78 28.81
N GLY B 327 7.23 6.65 27.83
CA GLY B 327 8.30 7.15 26.98
C GLY B 327 7.98 8.44 26.26
N TRP B 328 8.93 9.37 26.28
CA TRP B 328 8.87 10.56 25.44
C TRP B 328 10.27 11.09 25.20
N ILE B 329 10.39 11.94 24.18
CA ILE B 329 11.68 12.51 23.79
C ILE B 329 11.50 14.00 23.56
N ALA B 330 12.37 14.79 24.19
CA ALA B 330 12.40 16.23 23.94
C ALA B 330 13.71 16.60 23.26
N ASP B 331 13.61 17.12 22.05
CA ASP B 331 14.77 17.55 21.28
C ASP B 331 15.29 18.89 21.81
N ASP B 332 16.51 19.23 21.43
CA ASP B 332 17.13 20.46 21.90
C ASP B 332 16.36 21.71 21.50
N ASP B 333 15.64 21.64 20.38
CA ASP B 333 14.84 22.78 19.91
C ASP B 333 13.49 22.91 20.63
N GLY B 334 13.23 22.01 21.56
CA GLY B 334 12.00 22.09 22.34
C GLY B 334 10.85 21.22 21.86
N LYS B 335 11.01 20.59 20.69
CA LYS B 335 9.97 19.70 20.17
C LYS B 335 9.88 18.43 21.03
N VAL B 336 8.65 18.03 21.35
CA VAL B 336 8.43 16.88 22.19
C VAL B 336 7.64 15.82 21.45
N PHE B 337 8.17 14.60 21.50
CA PHE B 337 7.52 13.43 20.90
C PHE B 337 7.05 12.56 22.04
N ILE B 338 5.73 12.42 22.16
CA ILE B 338 5.14 11.63 23.23
C ILE B 338 4.74 10.27 22.68
N TYR B 339 5.31 9.21 23.22
CA TYR B 339 4.96 7.85 22.77
C TYR B 339 3.99 7.24 23.76
N TYR B 340 2.77 6.99 23.29
CA TYR B 340 1.73 6.45 24.16
C TYR B 340 1.07 5.26 23.49
N ALA B 341 0.80 4.23 24.30
CA ALA B 341 0.03 3.09 23.84
C ALA B 341 -1.46 3.36 23.95
N SER B 342 -2.24 2.71 23.08
CA SER B 342 -3.69 2.68 23.30
C SER B 342 -4.13 1.23 23.50
N SER B 343 -4.96 1.06 24.53
CA SER B 343 -5.66 -0.19 24.78
C SER B 343 -4.74 -1.41 24.86
N ASP B 344 -3.52 -1.20 25.32
CA ASP B 344 -2.53 -2.26 25.49
C ASP B 344 -2.22 -2.99 24.18
N THR B 345 -2.45 -2.32 23.05
CA THR B 345 -2.40 -3.02 21.77
C THR B 345 -1.41 -2.43 20.76
N ARG B 346 -1.29 -1.11 20.73
CA ARG B 346 -0.51 -0.46 19.69
C ARG B 346 0.15 0.79 20.26
N MET B 347 1.17 1.28 19.56
CA MET B 347 1.87 2.51 19.94
C MET B 347 1.54 3.68 19.04
N HIS B 348 1.31 4.84 19.65
CA HIS B 348 1.07 6.09 18.94
C HIS B 348 2.12 7.13 19.28
N VAL B 349 2.17 8.18 18.47
CA VAL B 349 2.94 9.38 18.81
C VAL B 349 2.03 10.60 18.82
N ALA B 350 2.27 11.50 19.77
CA ALA B 350 1.69 12.84 19.74
C ALA B 350 2.85 13.84 19.87
N THR B 351 2.74 14.98 19.20
CA THR B 351 3.79 15.97 19.29
C THR B 351 3.32 17.26 19.94
N SER B 352 4.26 17.94 20.58
CA SER B 352 4.00 19.24 21.19
C SER B 352 5.35 19.92 21.30
N THR B 353 5.42 20.95 22.14
CA THR B 353 6.69 21.55 22.48
C THR B 353 6.78 21.78 23.98
N ILE B 354 8.00 21.96 24.49
CA ILE B 354 8.17 22.24 25.90
C ILE B 354 7.36 23.45 26.29
N GLU B 355 7.42 24.50 25.47
CA GLU B 355 6.69 25.72 25.75
C GLU B 355 5.19 25.48 25.84
N ARG B 356 4.65 24.69 24.91
CA ARG B 356 3.22 24.44 24.95
C ARG B 356 2.81 23.60 26.15
N LEU B 357 3.61 22.59 26.49
CA LEU B 357 3.26 21.71 27.60
C LEU B 357 3.36 22.44 28.95
N VAL B 358 4.36 23.30 29.09
CA VAL B 358 4.44 24.12 30.28
C VAL B 358 3.26 25.11 30.37
N ASP B 359 2.92 25.74 29.26
CA ASP B 359 1.75 26.64 29.15
C ASP B 359 0.50 25.85 29.61
N TYR B 360 0.30 24.66 29.06
CA TYR B 360 -0.83 23.82 29.44
C TYR B 360 -0.87 23.54 30.95
N CYS B 361 0.28 23.20 31.52
CA CYS B 361 0.35 22.88 32.95
C CYS B 361 0.10 24.10 33.84
N LEU B 362 0.62 25.24 33.44
CA LEU B 362 0.52 26.46 34.25
C LEU B 362 -0.84 27.14 34.14
N HIS B 363 -1.51 27.01 33.00
CA HIS B 363 -2.70 27.84 32.76
C HIS B 363 -4.02 27.11 32.60
N THR B 364 -3.98 25.78 32.59
CA THR B 364 -5.20 25.01 32.76
C THR B 364 -5.54 25.12 34.23
N PRO B 365 -6.73 25.63 34.56
CA PRO B 365 -7.06 25.84 35.97
C PRO B 365 -6.94 24.57 36.81
N GLN B 366 -6.56 24.71 38.07
CA GLN B 366 -6.48 23.57 38.98
C GLN B 366 -7.87 23.08 39.29
N ASP B 367 -7.97 21.79 39.60
CA ASP B 367 -9.25 21.20 39.98
C ASP B 367 -9.67 21.67 41.38
N GLY B 368 -10.85 22.29 41.47
CA GLY B 368 -11.43 22.68 42.74
C GLY B 368 -12.25 21.58 43.39
N PHE B 369 -12.29 20.44 42.71
CA PHE B 369 -12.82 19.16 43.23
C PHE B 369 -14.35 18.99 43.33
N SER B 370 -15.12 19.89 42.73
CA SER B 370 -16.57 19.75 42.75
C SER B 370 -17.21 20.35 41.51
N SER B 371 -18.45 19.92 41.25
CA SER B 371 -19.22 20.44 40.13
C SER B 371 -19.37 21.97 40.22
N SER B 372 -19.74 22.46 41.40
CA SER B 372 -19.87 23.90 41.61
C SER B 372 -18.60 24.66 41.29
N ALA B 373 -17.45 24.11 41.70
CA ALA B 373 -16.18 24.75 41.46
C ALA B 373 -15.85 24.74 39.97
N SER B 374 -16.10 23.60 39.33
CA SER B 374 -15.89 23.52 37.89
C SER B 374 -16.72 24.55 37.12
N VAL B 375 -17.99 24.70 37.51
CA VAL B 375 -18.88 25.66 36.89
C VAL B 375 -18.39 27.10 37.09
N GLU B 376 -17.91 27.41 38.28
CA GLU B 376 -17.40 28.76 38.53
C GLU B 376 -16.17 29.10 37.66
N ILE B 377 -15.24 28.15 37.54
CA ILE B 377 -14.08 28.32 36.67
C ILE B 377 -14.52 28.55 35.22
N LEU B 378 -15.46 27.73 34.77
CA LEU B 378 -15.95 27.84 33.41
C LEU B 378 -16.68 29.15 33.14
N LYS B 379 -17.56 29.54 34.06
CA LYS B 379 -18.26 30.82 33.93
C LYS B 379 -17.28 31.99 33.85
N ASN B 380 -16.18 31.90 34.59
CA ASN B 380 -15.20 32.98 34.55
C ASN B 380 -14.58 33.12 33.16
N LEU B 381 -14.25 31.99 32.54
CA LEU B 381 -13.68 32.01 31.19
C LEU B 381 -14.69 32.50 30.17
N ILE B 382 -15.93 32.01 30.27
CA ILE B 382 -16.99 32.42 29.36
C ILE B 382 -17.16 33.93 29.41
N GLU B 383 -17.23 34.48 30.62
CA GLU B 383 -17.39 35.92 30.79
C GLU B 383 -16.28 36.72 30.11
N ARG B 384 -15.04 36.29 30.28
CA ARG B 384 -13.90 36.94 29.62
C ARG B 384 -14.07 36.88 28.10
N ASN B 385 -14.37 35.69 27.59
CA ASN B 385 -14.51 35.51 26.15
C ASN B 385 -15.64 36.32 25.53
N LEU B 386 -16.78 36.38 26.20
CA LEU B 386 -17.94 37.08 25.65
C LEU B 386 -17.65 38.58 25.56
N ARG B 387 -16.94 39.10 26.55
CA ARG B 387 -16.56 40.50 26.58
C ARG B 387 -15.59 40.79 25.44
N LEU B 388 -14.70 39.84 25.18
CA LEU B 388 -13.74 39.97 24.09
C LEU B 388 -14.44 39.89 22.74
N MET B 389 -15.36 38.93 22.60
CA MET B 389 -16.06 38.68 21.33
C MET B 389 -17.05 39.79 20.96
N LYS B 390 -17.23 40.75 21.87
CA LYS B 390 -18.11 41.88 21.61
C LYS B 390 -17.41 43.00 20.86
C2 BGC C . -2.18 8.49 -32.14
C3 BGC C . -2.61 7.10 -32.36
C4 BGC C . -3.93 6.98 -33.10
C5 BGC C . -3.76 7.73 -34.40
C6 BGC C . -4.99 7.77 -35.25
C1 BGC C . -2.12 9.26 -33.41
O1 BGC C . -1.90 10.57 -33.23
O2 BGC C . -0.87 8.56 -31.51
O3 BGC C . -2.62 6.39 -31.11
O4 BGC C . -4.25 5.60 -33.29
O5 BGC C . -3.41 9.09 -34.15
O6 BGC C . -6.16 8.21 -34.59
C1 BMA C . -5.61 5.11 -33.34
C2 BMA C . -5.67 3.69 -33.01
C3 BMA C . -5.30 3.42 -31.66
C4 BMA C . -5.90 4.33 -30.71
C5 BMA C . -7.14 5.06 -31.32
C6 BMA C . -7.70 5.93 -30.51
O2 BMA C . -4.85 2.87 -33.94
O3 BMA C . -3.84 3.52 -31.60
O4 BMA C . -6.26 3.61 -29.53
O5 BMA C . -6.59 5.83 -32.53
O6 BMA C . -6.93 7.03 -30.13
C2 BGC D . -0.72 -7.51 32.53
C3 BGC D . -0.14 -6.17 32.71
C4 BGC D . -0.93 -5.29 33.65
C5 BGC D . -1.03 -6.05 34.96
C6 BGC D . -1.82 -5.37 36.02
C1 BGC D . -0.93 -8.22 33.82
O1 BGC D . -1.65 -9.36 33.67
O2 BGC D . 0.06 -8.33 31.64
O3 BGC D . 0.04 -5.53 31.43
O4 BGC D . -0.28 -4.02 33.78
O5 BGC D . -1.66 -7.33 34.76
O6 BGC D . -3.10 -4.92 35.66
C1 BMA D . -0.97 -2.79 34.09
C2 BMA D . -0.15 -1.67 33.69
C3 BMA D . 0.03 -1.57 32.28
C4 BMA D . -1.20 -1.84 31.53
C5 BMA D . -2.47 -1.63 32.41
C6 BMA D . -3.60 -1.90 31.77
O2 BMA D . 1.19 -1.74 34.34
O3 BMA D . 1.07 -2.54 31.89
O4 BMA D . -1.22 -0.98 30.39
O5 BMA D . -2.31 -2.62 33.56
O6 BMA D . -3.79 -3.22 31.34
P PO4 E . -7.97 3.09 -35.90
O1 PO4 E . -7.96 4.08 -37.06
O2 PO4 E . -6.65 2.35 -35.87
O3 PO4 E . -8.24 3.77 -34.60
O4 PO4 E . -9.05 2.06 -36.17
P PO4 F . -21.07 1.99 -16.53
O1 PO4 F . -22.17 2.89 -17.09
O2 PO4 F . -19.77 2.74 -16.70
O3 PO4 F . -21.31 1.78 -15.05
O4 PO4 F . -21.07 0.68 -17.27
P PO4 G . -0.92 0.11 36.89
O1 PO4 G . -1.88 -0.19 35.78
O2 PO4 G . 0.51 -0.20 36.53
O3 PO4 G . -1.29 -0.69 38.11
O4 PO4 G . -1.04 1.57 37.28
P PO4 H . -13.87 10.59 20.44
O1 PO4 H . -14.19 11.02 19.01
O2 PO4 H . -13.39 9.16 20.42
O3 PO4 H . -15.15 10.59 21.25
O4 PO4 H . -12.89 11.54 21.07
#